data_5F7N
#
_entry.id   5F7N
#
_cell.length_a   50.850
_cell.length_b   131.950
_cell.length_c   123.810
_cell.angle_alpha   90.00
_cell.angle_beta   94.81
_cell.angle_gamma   90.00
#
_symmetry.space_group_name_H-M   'P 1 21 1'
#
loop_
_entity.id
_entity.type
_entity.pdbx_description
1 polymer 'Adhesin binding fucosylated histo-blood group antigen'
2 polymer 'Nanobody Nb-ER19'
3 branched alpha-L-fucopyranose-(1-2)-[2-acetamido-2-deoxy-alpha-D-galactopyranose-(1-3)]beta-D-galactopyranose-(1-3)-[alpha-L-fucopyranose-(1-4)]2-acetamido-2-deoxy-beta-D-glucopyranose
4 water water
#
loop_
_entity_poly.entity_id
_entity_poly.type
_entity_poly.pdbx_seq_one_letter_code
_entity_poly.pdbx_strand_id
1 'polypeptide(L)'
;ASWSHPQFEKSGGGGGLVPRGSGIQDLSDNYENLSKLLTRYSTLNTLIKLSADPSAINAARENLGASAKNLIGDTKNSPA
YQAVLLAINAAVGFWNVLGYATQCGGNANGQESTSSTTIFNNEPGYRSTSITCSLNRYKPGYYGPMSIENFKKLNEAYQI
LQTALNKGLPALKENNGTVSVTYTYTCSGEGNDNCSKKATGVSDQNGGTKTKTQTIDGKTVTTTISSKVVDSQAKGNTTR
VSYTEITNKLDGVPDSAQALLAQASTLINTINTACPYFSVTNKSGGPQMEPTRGKLCGFTEEISAIQKMITDAQELVNQT
SVINEHEQSTPVGGNNGKPFNPFTDASFAQGMLANASAQAKMLNLAHQVGQTINPDNLTGTFKNFVTGFLATCNNKSTAG
TSGTQGSPPGTVTTQTFASGCAYVEQTITNLNNSIAHFGTQEQQIQQAENIADTLVNFGSHHHHHH
;
A,B
2 'polypeptide(L)'
;QVQLQESGGGLVQPGGSLRLSCAASGSIFSGNVMGWYRQAPGKLREWVAAITPQGVPNYADSVKGRFTISRDNAKNMLYL
QMSSLKPEDTALYYCNRLPNYRSWGQGTQVTVSSHHHHHH
;
C,D
#
# COMPACT_ATOMS: atom_id res chain seq x y z
N ASN A 33 19.67 -42.45 -30.64
CA ASN A 33 20.46 -42.55 -31.92
C ASN A 33 20.26 -41.47 -33.00
N LEU A 34 21.34 -41.02 -33.63
CA LEU A 34 21.24 -39.75 -34.34
C LEU A 34 20.75 -39.93 -35.77
N SER A 35 21.15 -41.02 -36.41
CA SER A 35 20.57 -41.38 -37.71
C SER A 35 19.04 -41.45 -37.61
N LYS A 36 18.52 -42.10 -36.56
CA LYS A 36 17.08 -42.24 -36.39
C LYS A 36 16.40 -40.88 -36.27
N LEU A 37 17.06 -39.87 -35.71
CA LEU A 37 16.33 -38.62 -35.74
C LEU A 37 16.60 -37.70 -36.92
N LEU A 38 17.76 -37.80 -37.55
CA LEU A 38 17.97 -37.10 -38.82
C LEU A 38 17.13 -37.67 -39.96
N THR A 39 16.60 -38.87 -39.76
CA THR A 39 15.54 -39.39 -40.60
C THR A 39 14.31 -38.47 -40.55
N ARG A 40 13.72 -38.25 -39.39
CA ARG A 40 12.54 -37.39 -39.42
C ARG A 40 12.87 -35.90 -39.62
N TYR A 41 13.97 -35.37 -39.06
CA TYR A 41 14.17 -33.92 -39.06
C TYR A 41 15.29 -33.58 -40.00
N SER A 42 15.02 -33.75 -41.27
CA SER A 42 16.07 -33.65 -42.24
C SER A 42 16.68 -32.24 -42.28
N THR A 43 15.94 -31.21 -41.84
CA THR A 43 16.51 -29.90 -41.85
C THR A 43 17.55 -29.74 -40.73
N LEU A 44 17.51 -30.66 -39.77
CA LEU A 44 18.50 -30.66 -38.72
C LEU A 44 19.84 -31.18 -39.22
N ASN A 45 19.76 -32.13 -40.11
CA ASN A 45 20.91 -32.60 -40.74
C ASN A 45 21.62 -31.54 -41.56
N THR A 46 20.85 -30.76 -42.30
CA THR A 46 21.39 -29.64 -43.02
C THR A 46 22.01 -28.63 -42.06
N LEU A 47 21.38 -28.41 -40.91
CA LEU A 47 21.94 -27.46 -39.94
C LEU A 47 23.33 -27.87 -39.44
N ILE A 48 23.51 -29.14 -39.23
CA ILE A 48 24.75 -29.65 -38.71
C ILE A 48 25.83 -29.54 -39.77
N LYS A 49 25.49 -29.87 -41.01
CA LYS A 49 26.43 -29.72 -42.09
C LYS A 49 26.89 -28.26 -42.20
N LEU A 50 25.99 -27.31 -42.03
CA LEU A 50 26.36 -25.90 -42.16
C LEU A 50 27.26 -25.40 -41.00
N SER A 51 26.98 -25.90 -39.81
CA SER A 51 27.73 -25.59 -38.62
C SER A 51 29.14 -26.15 -38.64
N ALA A 52 29.41 -27.09 -39.49
CA ALA A 52 30.75 -27.61 -39.57
C ALA A 52 31.54 -26.96 -40.71
N ASP A 53 30.97 -25.98 -41.38
CA ASP A 53 31.55 -25.48 -42.60
C ASP A 53 31.85 -23.96 -42.44
N PRO A 54 33.13 -23.61 -42.35
CA PRO A 54 33.42 -22.19 -42.14
C PRO A 54 32.80 -21.26 -43.17
N SER A 55 32.66 -21.71 -44.40
CA SER A 55 32.18 -20.77 -45.38
C SER A 55 30.68 -20.55 -45.20
N ALA A 56 29.91 -21.55 -44.80
CA ALA A 56 28.50 -21.29 -44.39
C ALA A 56 28.38 -20.43 -43.14
N ILE A 57 29.31 -20.58 -42.20
CA ILE A 57 29.26 -19.77 -41.01
C ILE A 57 29.56 -18.30 -41.33
N ASN A 58 30.62 -18.08 -42.10
CA ASN A 58 30.96 -16.73 -42.60
C ASN A 58 29.87 -16.05 -43.44
N ALA A 59 29.18 -16.82 -44.27
CA ALA A 59 28.03 -16.29 -44.99
C ALA A 59 26.97 -15.84 -44.00
N ALA A 60 26.77 -16.59 -42.93
CA ALA A 60 25.68 -16.20 -42.00
C ALA A 60 26.07 -14.98 -41.24
N ARG A 61 27.36 -14.88 -40.93
CA ARG A 61 27.88 -13.70 -40.27
C ARG A 61 27.79 -12.46 -41.11
N GLU A 62 28.11 -12.54 -42.39
CA GLU A 62 27.82 -11.42 -43.31
C GLU A 62 26.35 -11.04 -43.29
N ASN A 63 25.47 -12.01 -43.38
CA ASN A 63 24.04 -11.72 -43.34
C ASN A 63 23.64 -10.93 -42.13
N LEU A 64 24.23 -11.27 -40.98
CA LEU A 64 23.92 -10.57 -39.74
C LEU A 64 24.37 -9.13 -39.79
N GLY A 65 25.53 -8.88 -40.36
CA GLY A 65 26.01 -7.54 -40.51
C GLY A 65 25.03 -6.74 -41.42
N ALA A 66 24.52 -7.34 -42.49
CA ALA A 66 23.66 -6.60 -43.43
C ALA A 66 22.31 -6.39 -42.78
N SER A 67 21.81 -7.38 -42.06
CA SER A 67 20.52 -7.14 -41.45
C SER A 67 20.57 -6.14 -40.31
N ALA A 68 21.71 -6.06 -39.62
CA ALA A 68 21.90 -5.06 -38.58
C ALA A 68 21.88 -3.66 -39.17
N LYS A 69 22.53 -3.45 -40.29
CA LYS A 69 22.41 -2.17 -40.97
C LYS A 69 20.99 -1.84 -41.38
N ASN A 70 20.22 -2.82 -41.86
CA ASN A 70 18.83 -2.56 -42.13
C ASN A 70 18.13 -2.15 -40.82
N LEU A 71 18.37 -2.83 -39.70
CA LEU A 71 17.61 -2.52 -38.52
C LEU A 71 18.06 -1.18 -37.87
N ILE A 72 19.37 -0.93 -37.75
CA ILE A 72 19.81 0.23 -36.97
C ILE A 72 20.37 1.36 -37.81
N GLY A 73 20.63 1.10 -39.07
CA GLY A 73 21.09 2.16 -39.97
C GLY A 73 20.06 2.76 -40.95
N ASP A 74 18.93 2.08 -41.22
CA ASP A 74 17.96 2.60 -42.17
C ASP A 74 16.81 3.23 -41.43
N THR A 75 15.98 3.93 -42.18
CA THR A 75 14.80 4.50 -41.58
C THR A 75 13.55 3.91 -42.23
N LYS A 76 13.22 4.35 -43.42
CA LYS A 76 12.05 3.85 -44.12
C LYS A 76 11.91 2.33 -44.03
N ASN A 77 12.97 1.61 -44.30
CA ASN A 77 12.88 0.19 -44.35
C ASN A 77 13.17 -0.51 -43.05
N SER A 78 13.38 0.19 -41.93
CA SER A 78 13.68 -0.50 -40.71
C SER A 78 12.41 -0.70 -39.94
N PRO A 79 12.05 -1.94 -39.68
CA PRO A 79 10.90 -2.10 -38.82
C PRO A 79 11.14 -1.53 -37.44
N ALA A 80 12.37 -1.50 -37.04
CA ALA A 80 12.70 -0.99 -35.69
C ALA A 80 12.52 0.48 -35.62
N TYR A 81 12.98 1.16 -36.63
CA TYR A 81 12.72 2.56 -36.72
C TYR A 81 11.20 2.88 -36.76
N GLN A 82 10.45 2.17 -37.59
CA GLN A 82 9.05 2.48 -37.73
C GLN A 82 8.31 2.27 -36.40
N ALA A 83 8.71 1.30 -35.61
CA ALA A 83 8.04 1.02 -34.37
C ALA A 83 8.32 2.05 -33.26
N VAL A 84 9.56 2.54 -33.23
CA VAL A 84 9.93 3.65 -32.36
C VAL A 84 9.10 4.87 -32.73
N LEU A 85 9.08 5.17 -34.02
CA LEU A 85 8.30 6.30 -34.50
C LEU A 85 6.84 6.17 -34.09
N LEU A 86 6.32 4.98 -34.10
CA LEU A 86 4.91 4.79 -33.86
C LEU A 86 4.59 4.98 -32.38
N ALA A 87 5.47 4.48 -31.51
CA ALA A 87 5.30 4.65 -30.11
C ALA A 87 5.31 6.15 -29.72
N ILE A 88 6.23 6.90 -30.29
CA ILE A 88 6.30 8.31 -30.06
C ILE A 88 5.05 9.02 -30.61
N ASN A 89 4.69 8.74 -31.85
CA ASN A 89 3.53 9.40 -32.39
C ASN A 89 2.25 9.10 -31.67
N ALA A 90 2.12 7.92 -31.10
CA ALA A 90 0.89 7.60 -30.39
C ALA A 90 0.79 8.46 -29.12
N ALA A 91 1.88 8.70 -28.45
CA ALA A 91 1.88 9.55 -27.23
C ALA A 91 1.55 10.97 -27.55
N VAL A 92 2.24 11.51 -28.53
CA VAL A 92 1.96 12.84 -29.03
C VAL A 92 0.52 12.96 -29.53
N GLY A 93 0.06 11.99 -30.29
CA GLY A 93 -1.29 12.01 -30.80
C GLY A 93 -2.32 11.98 -29.72
N PHE A 94 -2.05 11.24 -28.65
CA PHE A 94 -2.96 11.18 -27.54
C PHE A 94 -3.23 12.59 -26.95
N TRP A 95 -2.21 13.39 -26.81
CA TRP A 95 -2.35 14.71 -26.22
C TRP A 95 -2.96 15.67 -27.25
N ASN A 96 -2.64 15.51 -28.52
CA ASN A 96 -3.32 16.26 -29.54
C ASN A 96 -4.84 16.00 -29.52
N VAL A 97 -5.24 14.80 -29.18
CA VAL A 97 -6.64 14.52 -29.11
C VAL A 97 -7.30 15.17 -27.92
N LEU A 98 -6.67 15.09 -26.75
CA LEU A 98 -7.35 15.46 -25.48
C LEU A 98 -6.91 16.73 -24.81
N GLY A 99 -5.80 17.27 -25.24
CA GLY A 99 -5.19 18.39 -24.54
C GLY A 99 -6.17 19.56 -24.47
N TYR A 100 -6.86 19.92 -25.55
CA TYR A 100 -7.75 21.05 -25.53
C TYR A 100 -8.88 20.93 -24.49
N ALA A 101 -9.18 19.76 -24.04
CA ALA A 101 -10.35 19.57 -23.19
C ALA A 101 -9.96 19.51 -21.69
N THR A 102 -8.67 19.63 -21.41
CA THR A 102 -8.12 19.28 -20.12
C THR A 102 -8.09 20.50 -19.21
N GLN A 103 -8.66 20.46 -18.03
CA GLN A 103 -8.64 21.66 -17.12
C GLN A 103 -7.21 21.83 -16.63
N CYS A 104 -6.74 23.06 -16.55
CA CYS A 104 -5.48 23.37 -15.80
C CYS A 104 -5.62 24.74 -15.26
N GLY A 105 -4.84 25.00 -14.21
CA GLY A 105 -4.76 26.30 -13.56
C GLY A 105 -4.00 26.30 -12.24
N GLY A 106 -4.23 27.35 -11.45
CA GLY A 106 -3.56 27.55 -10.18
C GLY A 106 -2.24 28.29 -10.31
N ASN A 107 -1.51 28.27 -9.21
CA ASN A 107 -0.27 28.95 -9.06
C ASN A 107 0.85 27.99 -8.91
N ALA A 108 2.00 28.55 -8.69
CA ALA A 108 3.24 27.82 -8.83
C ALA A 108 3.41 26.71 -7.81
N ASN A 109 2.74 26.75 -6.70
CA ASN A 109 3.12 25.69 -5.77
C ASN A 109 2.32 24.39 -5.95
N GLY A 110 1.65 24.25 -7.09
CA GLY A 110 0.48 23.40 -7.23
C GLY A 110 -0.71 23.85 -6.40
N GLN A 111 -0.73 25.07 -5.93
CA GLN A 111 -1.84 25.55 -5.15
C GLN A 111 -2.86 26.25 -6.04
N GLU A 112 -4.05 26.39 -5.48
CA GLU A 112 -5.11 27.13 -6.15
C GLU A 112 -4.76 28.59 -6.32
N SER A 113 -5.39 29.24 -7.29
CA SER A 113 -5.22 30.63 -7.54
C SER A 113 -6.50 31.40 -7.48
N THR A 114 -6.43 32.69 -7.23
CA THR A 114 -7.61 33.55 -7.28
C THR A 114 -7.85 34.02 -8.71
N SER A 115 -6.83 34.45 -9.43
CA SER A 115 -7.09 35.04 -10.76
C SER A 115 -5.87 34.96 -11.62
N SER A 116 -5.48 33.73 -11.94
CA SER A 116 -4.32 33.49 -12.71
C SER A 116 -4.72 32.93 -14.05
N THR A 117 -4.17 33.47 -15.13
CA THR A 117 -4.31 32.89 -16.45
C THR A 117 -2.94 32.65 -16.99
N THR A 118 -2.63 31.40 -17.31
CA THR A 118 -1.31 31.05 -17.83
C THR A 118 -1.49 30.32 -19.13
N ILE A 119 -0.89 30.83 -20.19
CA ILE A 119 -1.11 30.33 -21.55
C ILE A 119 0.17 29.77 -22.16
N PHE A 120 0.07 28.55 -22.65
CA PHE A 120 1.17 27.90 -23.23
C PHE A 120 1.06 27.91 -24.74
N ASN A 121 2.07 28.48 -25.42
CA ASN A 121 2.03 28.53 -26.89
C ASN A 121 2.45 27.22 -27.58
N ASN A 122 2.07 27.11 -28.85
CA ASN A 122 2.31 25.96 -29.67
C ASN A 122 1.84 24.72 -28.95
N GLU A 123 0.60 24.79 -28.49
CA GLU A 123 -0.13 23.69 -27.93
C GLU A 123 -1.52 23.61 -28.60
N PRO A 124 -2.15 22.40 -28.64
CA PRO A 124 -3.34 22.20 -29.48
C PRO A 124 -4.58 22.48 -28.68
N GLY A 125 -4.89 23.75 -28.55
CA GLY A 125 -6.07 24.23 -27.88
C GLY A 125 -7.25 24.33 -28.79
N TYR A 126 -8.39 24.68 -28.20
CA TYR A 126 -9.64 24.72 -28.86
C TYR A 126 -9.61 25.86 -29.86
N ARG A 127 -9.68 25.55 -31.14
CA ARG A 127 -9.59 26.58 -32.19
C ARG A 127 -8.41 27.47 -31.95
N SER A 128 -7.29 26.90 -31.61
CA SER A 128 -6.20 27.75 -31.16
C SER A 128 -4.92 27.00 -31.15
N THR A 129 -3.83 27.75 -31.29
CA THR A 129 -2.52 27.15 -31.21
C THR A 129 -1.88 27.37 -29.85
N SER A 130 -2.71 27.73 -28.88
CA SER A 130 -2.34 27.76 -27.46
C SER A 130 -3.34 27.13 -26.55
N ILE A 131 -2.85 26.71 -25.39
CA ILE A 131 -3.71 26.17 -24.38
C ILE A 131 -3.63 27.07 -23.19
N THR A 132 -4.79 27.41 -22.69
CA THR A 132 -4.98 28.35 -21.63
C THR A 132 -5.32 27.65 -20.34
N CYS A 133 -4.57 27.94 -19.30
CA CYS A 133 -4.86 27.38 -18.01
C CYS A 133 -5.37 28.46 -17.10
N SER A 134 -6.65 28.49 -16.83
CA SER A 134 -7.18 29.60 -16.07
C SER A 134 -8.27 29.19 -15.10
N LEU A 135 -8.27 27.95 -14.66
CA LEU A 135 -9.22 27.50 -13.69
C LEU A 135 -8.79 27.91 -12.27
N ASN A 136 -9.53 28.83 -11.68
CA ASN A 136 -9.22 29.33 -10.36
C ASN A 136 -10.01 28.66 -9.23
N ARG A 137 -9.52 28.85 -8.02
CA ARG A 137 -10.14 28.41 -6.76
C ARG A 137 -10.06 26.96 -6.47
N TYR A 138 -10.28 26.13 -7.46
CA TYR A 138 -10.14 24.73 -7.30
C TYR A 138 -8.70 24.34 -7.09
N LYS A 139 -8.48 23.42 -6.18
CA LYS A 139 -7.20 22.86 -5.99
C LYS A 139 -6.75 21.91 -7.11
N PRO A 140 -5.57 22.15 -7.65
CA PRO A 140 -5.02 21.25 -8.63
C PRO A 140 -4.75 19.87 -8.13
N GLY A 141 -4.96 18.86 -8.97
CA GLY A 141 -5.03 17.50 -8.45
C GLY A 141 -5.90 16.56 -9.27
N TYR A 142 -6.07 15.39 -8.70
CA TYR A 142 -6.71 14.25 -9.32
C TYR A 142 -8.15 14.63 -9.68
N TYR A 143 -8.60 14.47 -10.89
CA TYR A 143 -9.97 14.86 -11.20
C TYR A 143 -10.17 16.35 -10.92
N GLY A 144 -9.11 17.10 -10.99
CA GLY A 144 -9.20 18.53 -10.92
C GLY A 144 -8.30 19.10 -11.99
N PRO A 145 -7.96 20.36 -11.85
CA PRO A 145 -7.11 20.91 -12.85
C PRO A 145 -5.72 20.40 -12.74
N MET A 146 -5.05 20.30 -13.87
CA MET A 146 -3.64 20.06 -13.87
C MET A 146 -2.88 21.27 -13.32
N SER A 147 -1.96 21.03 -12.39
CA SER A 147 -1.16 22.12 -11.91
C SER A 147 -0.26 22.63 -13.01
N ILE A 148 0.12 23.88 -12.90
CA ILE A 148 1.04 24.47 -13.83
C ILE A 148 2.38 23.76 -13.79
N GLU A 149 2.78 23.29 -12.64
CA GLU A 149 3.99 22.49 -12.55
C GLU A 149 3.94 21.24 -13.43
N ASN A 150 2.85 20.47 -13.36
CA ASN A 150 2.72 19.37 -14.27
C ASN A 150 2.60 19.76 -15.71
N PHE A 151 1.87 20.82 -15.97
CA PHE A 151 1.67 21.21 -17.32
C PHE A 151 3.02 21.62 -17.94
N LYS A 152 3.86 22.30 -17.18
CA LYS A 152 5.17 22.68 -17.67
C LYS A 152 6.00 21.46 -18.04
N LYS A 153 5.95 20.41 -17.24
CA LYS A 153 6.69 19.19 -17.56
C LYS A 153 6.14 18.59 -18.85
N LEU A 154 4.82 18.52 -18.92
CA LEU A 154 4.17 18.01 -20.07
C LEU A 154 4.53 18.81 -21.30
N ASN A 155 4.44 20.12 -21.19
CA ASN A 155 4.63 20.96 -22.29
C ASN A 155 6.06 20.86 -22.81
N GLU A 156 7.02 20.86 -21.91
CA GLU A 156 8.38 20.77 -22.41
C GLU A 156 8.59 19.45 -23.24
N ALA A 157 8.10 18.33 -22.75
CA ALA A 157 8.28 17.05 -23.42
C ALA A 157 7.58 17.09 -24.78
N TYR A 158 6.41 17.73 -24.80
CA TYR A 158 5.69 17.91 -26.03
C TYR A 158 6.45 18.77 -27.05
N GLN A 159 7.06 19.86 -26.64
CA GLN A 159 7.70 20.74 -27.55
C GLN A 159 8.91 20.08 -28.13
N ILE A 160 9.58 19.33 -27.31
CA ILE A 160 10.73 18.62 -27.77
C ILE A 160 10.34 17.54 -28.77
N LEU A 161 9.37 16.75 -28.42
CA LEU A 161 8.89 15.74 -29.35
C LEU A 161 8.44 16.32 -30.65
N GLN A 162 7.71 17.42 -30.62
CA GLN A 162 7.22 17.97 -31.88
C GLN A 162 8.34 18.58 -32.71
N THR A 163 9.34 19.13 -32.07
CA THR A 163 10.44 19.66 -32.84
C THR A 163 11.23 18.54 -33.50
N ALA A 164 11.45 17.45 -32.79
CA ALA A 164 12.17 16.31 -33.36
C ALA A 164 11.39 15.59 -34.47
N LEU A 165 10.10 15.38 -34.27
CA LEU A 165 9.28 14.79 -35.29
C LEU A 165 9.32 15.68 -36.50
N ASN A 166 9.24 16.99 -36.29
CA ASN A 166 9.28 17.87 -37.41
C ASN A 166 10.59 17.77 -38.19
N LYS A 167 11.69 17.58 -37.50
CA LYS A 167 12.95 17.51 -38.22
C LYS A 167 13.20 16.10 -38.77
N GLY A 168 12.58 15.06 -38.23
CA GLY A 168 12.77 13.69 -38.69
C GLY A 168 13.64 12.93 -37.72
N LEU A 169 13.16 11.81 -37.21
CA LEU A 169 13.97 11.02 -36.28
C LEU A 169 15.12 10.38 -36.98
N PRO A 170 16.28 10.35 -36.33
CA PRO A 170 17.43 9.69 -36.92
C PRO A 170 17.32 8.16 -36.82
N ALA A 171 18.10 7.46 -37.61
CA ALA A 171 18.26 6.02 -37.46
C ALA A 171 18.71 5.68 -36.05
N LEU A 172 18.39 4.47 -35.64
CA LEU A 172 18.64 4.01 -34.30
C LEU A 172 20.11 4.05 -33.90
N LYS A 173 21.01 3.94 -34.86
CA LYS A 173 22.37 3.90 -34.47
C LYS A 173 22.87 5.29 -34.20
N GLU A 174 22.24 6.35 -34.75
CA GLU A 174 22.71 7.74 -34.52
C GLU A 174 22.35 8.18 -33.10
N ASN A 175 23.28 8.08 -32.18
CA ASN A 175 23.04 8.38 -30.78
C ASN A 175 23.52 9.70 -30.29
N ASN A 176 24.10 10.54 -31.12
CA ASN A 176 24.66 11.81 -30.67
C ASN A 176 24.12 13.03 -31.42
N GLY A 177 23.00 12.91 -32.10
CA GLY A 177 22.40 14.10 -32.64
C GLY A 177 21.67 14.84 -31.54
N THR A 178 21.49 16.12 -31.79
CA THR A 178 20.81 16.98 -30.88
C THR A 178 19.88 17.86 -31.68
N VAL A 179 18.90 18.40 -31.00
CA VAL A 179 18.03 19.38 -31.60
C VAL A 179 17.99 20.60 -30.67
N SER A 180 17.65 21.73 -31.28
CA SER A 180 17.37 22.94 -30.56
C SER A 180 15.86 23.16 -30.44
N VAL A 181 15.35 23.67 -29.32
CA VAL A 181 13.92 23.79 -29.10
C VAL A 181 13.59 25.11 -28.40
N THR A 182 12.61 25.85 -28.88
CA THR A 182 12.21 27.12 -28.26
C THR A 182 10.71 27.09 -27.98
N TYR A 183 10.27 27.63 -26.85
CA TYR A 183 8.84 27.68 -26.57
C TYR A 183 8.56 28.81 -25.61
N THR A 184 7.31 29.23 -25.57
CA THR A 184 6.97 30.40 -24.78
C THR A 184 5.68 30.12 -24.03
N TYR A 185 5.50 30.81 -22.91
CA TYR A 185 4.21 30.86 -22.22
C TYR A 185 4.09 32.22 -21.55
N THR A 186 2.86 32.57 -21.21
CA THR A 186 2.59 33.86 -20.65
C THR A 186 1.74 33.74 -19.39
N CYS A 187 1.86 34.73 -18.51
CA CYS A 187 1.10 34.85 -17.24
C CYS A 187 0.46 36.20 -17.15
N SER A 188 -0.81 36.22 -16.84
CA SER A 188 -1.52 37.42 -16.46
C SER A 188 -2.43 37.12 -15.29
N GLY A 189 -3.03 38.17 -14.78
CA GLY A 189 -3.89 38.12 -13.66
C GLY A 189 -3.15 38.50 -12.38
N GLU A 190 -3.93 39.09 -11.48
CA GLU A 190 -3.51 39.45 -10.15
C GLU A 190 -3.12 38.23 -9.33
N GLY A 191 -1.93 38.23 -8.74
CA GLY A 191 -1.45 37.12 -7.95
C GLY A 191 -0.78 36.00 -8.76
N ASN A 192 -0.70 36.12 -10.07
CA ASN A 192 -0.14 34.99 -10.82
C ASN A 192 1.34 34.98 -10.56
N ASP A 193 1.83 33.89 -10.00
CA ASP A 193 3.27 33.75 -9.74
C ASP A 193 3.97 32.72 -10.63
N ASN A 194 3.28 32.22 -11.65
CA ASN A 194 3.87 31.20 -12.50
C ASN A 194 4.99 31.68 -13.41
N CYS A 195 5.18 32.99 -13.47
CA CYS A 195 6.28 33.57 -14.25
C CYS A 195 7.27 34.31 -13.34
N SER A 196 7.20 34.08 -12.04
CA SER A 196 8.07 34.76 -11.09
C SER A 196 9.51 34.22 -10.99
N LYS A 197 10.33 34.92 -10.22
CA LYS A 197 11.70 34.50 -9.93
C LYS A 197 11.78 33.10 -9.37
N LYS A 198 10.97 32.75 -8.36
CA LYS A 198 11.10 31.35 -7.88
C LYS A 198 10.67 30.33 -8.91
N ALA A 199 9.63 30.62 -9.68
CA ALA A 199 9.18 29.65 -10.71
C ALA A 199 10.19 29.50 -11.84
N THR A 200 10.93 30.54 -12.09
CA THR A 200 11.57 30.74 -13.36
C THR A 200 13.11 30.68 -13.20
N GLY A 201 13.63 31.08 -12.05
CA GLY A 201 15.04 31.34 -11.88
C GLY A 201 15.52 32.72 -12.34
N VAL A 202 14.67 33.52 -13.00
CA VAL A 202 15.08 34.79 -13.63
C VAL A 202 14.89 36.00 -12.73
N SER A 203 15.94 36.80 -12.55
CA SER A 203 15.91 37.92 -11.59
C SER A 203 15.04 39.09 -11.97
N ASP A 204 15.28 39.75 -13.10
CA ASP A 204 14.41 40.90 -13.50
C ASP A 204 13.31 40.39 -14.44
N GLN A 205 12.09 40.65 -14.04
CA GLN A 205 10.92 40.13 -14.71
C GLN A 205 10.80 40.79 -16.08
N ASN A 206 11.21 42.04 -16.15
CA ASN A 206 11.31 42.68 -17.42
C ASN A 206 12.72 42.72 -17.97
N GLY A 207 12.99 41.87 -18.96
CA GLY A 207 14.26 41.86 -19.69
C GLY A 207 15.34 40.90 -19.21
N GLY A 208 15.11 40.21 -18.09
CA GLY A 208 16.14 39.37 -17.48
C GLY A 208 16.32 38.05 -18.23
N THR A 209 17.44 37.39 -17.96
CA THR A 209 17.77 36.15 -18.62
C THR A 209 18.50 35.26 -17.64
N LYS A 210 18.35 33.98 -17.75
CA LYS A 210 19.14 33.04 -16.96
C LYS A 210 19.44 31.75 -17.76
N THR A 211 20.61 31.19 -17.50
CA THR A 211 21.08 30.02 -18.18
C THR A 211 21.38 28.92 -17.20
N LYS A 212 20.98 27.72 -17.51
CA LYS A 212 21.31 26.62 -16.65
C LYS A 212 21.57 25.39 -17.52
N THR A 213 22.30 24.42 -16.98
CA THR A 213 22.70 23.26 -17.72
C THR A 213 22.16 22.08 -17.00
N GLN A 214 22.19 20.93 -17.66
CA GLN A 214 21.68 19.69 -17.10
C GLN A 214 22.25 18.42 -17.81
N THR A 215 21.77 17.23 -17.41
CA THR A 215 21.78 15.99 -18.24
C THR A 215 20.36 15.56 -18.65
N GLY A 218 23.83 11.29 -20.33
CA GLY A 218 25.26 11.43 -20.57
C GLY A 218 25.65 12.77 -21.18
N LYS A 219 24.64 13.54 -21.60
CA LYS A 219 24.81 14.71 -22.46
C LYS A 219 24.45 16.05 -21.76
N THR A 220 25.19 17.13 -22.02
CA THR A 220 24.84 18.47 -21.50
C THR A 220 23.84 19.29 -22.35
N VAL A 221 22.68 19.53 -21.77
CA VAL A 221 21.67 20.36 -22.36
C VAL A 221 21.71 21.73 -21.72
N THR A 222 21.85 22.78 -22.52
CA THR A 222 21.77 24.15 -22.02
C THR A 222 20.39 24.82 -22.20
N THR A 223 19.90 25.48 -21.16
CA THR A 223 18.62 26.16 -21.17
C THR A 223 18.79 27.63 -20.88
N THR A 224 18.17 28.46 -21.70
CA THR A 224 18.23 29.91 -21.54
C THR A 224 16.80 30.36 -21.35
N ILE A 225 16.51 31.06 -20.26
CA ILE A 225 15.18 31.44 -19.95
C ILE A 225 15.19 32.91 -19.94
N SER A 226 14.25 33.54 -20.63
CA SER A 226 14.23 34.99 -20.60
C SER A 226 12.83 35.50 -20.38
N SER A 227 12.72 36.69 -19.82
CA SER A 227 11.48 37.19 -19.37
C SER A 227 11.29 38.60 -19.86
N LYS A 228 10.05 38.95 -20.19
CA LYS A 228 9.69 40.22 -20.72
C LYS A 228 8.27 40.54 -20.24
N VAL A 229 8.04 41.78 -19.85
CA VAL A 229 6.73 42.27 -19.43
C VAL A 229 6.11 43.14 -20.51
N VAL A 230 4.83 42.95 -20.77
CA VAL A 230 4.11 43.70 -21.75
C VAL A 230 2.92 44.29 -21.05
N ASP A 231 2.86 45.61 -21.04
CA ASP A 231 1.80 46.38 -20.39
C ASP A 231 0.49 46.25 -21.18
N SER A 232 -0.64 46.39 -20.48
CA SER A 232 -1.97 46.34 -21.08
C SER A 232 -2.11 47.29 -22.27
N GLN A 233 -1.53 48.48 -22.17
CA GLN A 233 -1.62 49.48 -23.26
C GLN A 233 -0.70 49.27 -24.45
N ALA A 234 0.33 48.46 -24.32
CA ALA A 234 1.38 48.46 -25.36
C ALA A 234 0.77 48.31 -26.78
N LYS A 235 1.42 48.94 -27.77
CA LYS A 235 1.02 48.78 -29.19
C LYS A 235 1.10 47.29 -29.47
N GLY A 236 0.14 46.77 -30.22
CA GLY A 236 -0.08 45.33 -30.27
C GLY A 236 -0.80 45.06 -28.98
N ASN A 237 -0.73 43.85 -28.49
CA ASN A 237 -1.49 43.50 -27.31
C ASN A 237 -2.99 43.56 -27.55
N THR A 238 -3.45 42.66 -28.41
CA THR A 238 -4.86 42.28 -28.49
C THR A 238 -5.46 42.29 -27.09
N THR A 239 -5.05 41.31 -26.29
CA THR A 239 -5.65 41.05 -25.00
C THR A 239 -5.62 42.35 -24.20
N ARG A 240 -6.76 42.74 -23.68
CA ARG A 240 -6.82 43.98 -22.93
C ARG A 240 -5.68 44.19 -21.89
N VAL A 241 -4.94 43.12 -21.52
CA VAL A 241 -4.30 43.06 -20.19
C VAL A 241 -2.76 42.94 -20.12
N SER A 242 -2.17 43.31 -18.99
CA SER A 242 -0.73 43.19 -18.76
C SER A 242 -0.26 41.74 -18.53
N TYR A 243 0.87 41.37 -19.14
CA TYR A 243 1.35 40.05 -18.97
C TYR A 243 2.85 39.92 -19.00
N THR A 244 3.32 38.78 -18.51
CA THR A 244 4.71 38.45 -18.53
C THR A 244 4.90 37.31 -19.51
N GLU A 245 5.91 37.41 -20.37
CA GLU A 245 6.20 36.34 -21.26
C GLU A 245 7.55 35.68 -20.95
N ILE A 246 7.54 34.37 -20.87
CA ILE A 246 8.74 33.60 -20.63
C ILE A 246 9.10 32.82 -21.86
N THR A 247 10.33 32.93 -22.26
CA THR A 247 10.85 32.17 -23.35
C THR A 247 11.86 31.19 -22.83
N ASN A 248 11.79 29.96 -23.30
CA ASN A 248 12.79 28.95 -23.03
C ASN A 248 13.43 28.52 -24.29
N LYS A 249 14.75 28.54 -24.31
CA LYS A 249 15.48 28.08 -25.44
C LYS A 249 16.42 26.96 -24.99
N LEU A 250 16.19 25.76 -25.43
CA LEU A 250 17.03 24.63 -25.09
C LEU A 250 17.96 24.25 -26.26
N ASP A 251 19.25 24.14 -25.99
CA ASP A 251 20.24 23.72 -27.00
C ASP A 251 20.86 22.44 -26.58
N GLY A 252 21.13 21.58 -27.56
CA GLY A 252 21.82 20.35 -27.31
C GLY A 252 20.86 19.30 -26.82
N VAL A 253 19.58 19.46 -27.05
CA VAL A 253 18.67 18.40 -26.61
C VAL A 253 18.89 17.13 -27.41
N PRO A 254 19.17 16.00 -26.75
CA PRO A 254 19.39 14.78 -27.49
C PRO A 254 18.15 14.33 -28.25
N ASP A 255 18.30 14.00 -29.54
CA ASP A 255 17.18 13.47 -30.31
C ASP A 255 17.33 11.96 -30.62
N SER A 256 18.18 11.27 -29.89
CA SER A 256 18.29 9.87 -30.11
C SER A 256 16.97 9.18 -29.79
N ALA A 257 16.79 8.00 -30.33
CA ALA A 257 15.59 7.24 -30.01
C ALA A 257 15.36 7.05 -28.51
N GLN A 258 16.38 6.62 -27.80
CA GLN A 258 16.23 6.33 -26.42
C GLN A 258 15.78 7.62 -25.71
N ALA A 259 16.40 8.75 -26.06
CA ALA A 259 16.07 10.00 -25.43
C ALA A 259 14.68 10.53 -25.76
N LEU A 260 14.21 10.32 -26.99
CA LEU A 260 12.87 10.74 -27.34
C LEU A 260 11.84 9.86 -26.71
N LEU A 261 12.14 8.59 -26.57
CA LEU A 261 11.22 7.72 -25.90
C LEU A 261 11.05 8.12 -24.44
N ALA A 262 12.13 8.57 -23.81
CA ALA A 262 12.07 9.00 -22.44
C ALA A 262 11.15 10.21 -22.34
N GLN A 263 11.19 11.09 -23.34
CA GLN A 263 10.28 12.26 -23.40
C GLN A 263 8.84 11.83 -23.61
N ALA A 264 8.62 10.87 -24.50
CA ALA A 264 7.26 10.40 -24.66
C ALA A 264 6.73 9.75 -23.41
N SER A 265 7.57 9.02 -22.72
CA SER A 265 7.16 8.44 -21.44
C SER A 265 6.80 9.55 -20.39
N THR A 266 7.61 10.58 -20.27
CA THR A 266 7.31 11.69 -19.41
C THR A 266 5.96 12.31 -19.77
N LEU A 267 5.72 12.48 -21.05
CA LEU A 267 4.45 13.04 -21.53
C LEU A 267 3.26 12.22 -21.08
N ILE A 268 3.29 10.93 -21.37
CA ILE A 268 2.17 10.11 -21.02
C ILE A 268 2.07 9.83 -19.54
N ASN A 269 3.20 9.64 -18.84
CA ASN A 269 3.09 9.47 -17.37
C ASN A 269 2.66 10.66 -16.60
N THR A 270 3.03 11.86 -17.06
CA THR A 270 2.58 13.05 -16.39
C THR A 270 1.04 13.14 -16.48
N ILE A 271 0.51 12.92 -17.65
CA ILE A 271 -0.97 12.87 -17.86
C ILE A 271 -1.64 11.85 -16.97
N ASN A 272 -1.15 10.65 -17.02
CA ASN A 272 -1.73 9.60 -16.21
C ASN A 272 -1.63 9.77 -14.68
N THR A 273 -0.52 10.31 -14.18
CA THR A 273 -0.34 10.57 -12.74
C THR A 273 -1.14 11.81 -12.32
N ALA A 274 -1.05 12.89 -13.08
CA ALA A 274 -1.79 14.08 -12.70
C ALA A 274 -3.31 13.83 -12.75
N CYS A 275 -3.74 13.10 -13.79
CA CYS A 275 -5.11 12.64 -13.94
C CYS A 275 -6.12 13.75 -13.80
N PRO A 276 -5.94 14.78 -14.59
CA PRO A 276 -6.85 15.90 -14.46
C PRO A 276 -8.23 15.69 -15.07
N TYR A 277 -9.15 16.54 -14.64
CA TYR A 277 -10.45 16.59 -15.22
C TYR A 277 -10.37 17.05 -16.66
N PHE A 278 -11.20 16.46 -17.52
CA PHE A 278 -11.42 16.97 -18.89
C PHE A 278 -12.90 17.07 -19.20
N SER A 279 -13.26 17.97 -20.11
CA SER A 279 -14.58 17.83 -20.79
C SER A 279 -14.54 18.29 -22.23
N VAL A 280 -15.09 17.46 -23.10
CA VAL A 280 -14.91 17.60 -24.57
C VAL A 280 -16.06 18.30 -25.25
N THR A 281 -15.75 18.95 -26.37
CA THR A 281 -16.76 19.49 -27.32
C THR A 281 -17.00 18.43 -28.42
N ASN A 282 -18.17 17.76 -28.40
CA ASN A 282 -18.51 16.82 -29.46
C ASN A 282 -19.16 17.58 -30.64
N LYS A 283 -18.47 17.60 -31.78
CA LYS A 283 -18.97 18.31 -32.94
C LYS A 283 -20.24 17.64 -33.43
N SER A 284 -21.24 18.48 -33.70
CA SER A 284 -22.51 18.05 -34.27
C SER A 284 -22.21 17.59 -35.70
N GLY A 285 -22.39 16.28 -35.96
CA GLY A 285 -21.98 15.60 -37.20
C GLY A 285 -20.87 14.61 -36.86
N GLY A 286 -19.63 15.02 -37.09
CA GLY A 286 -18.40 14.36 -36.60
C GLY A 286 -18.34 12.91 -36.11
N PRO A 287 -17.29 12.58 -35.32
CA PRO A 287 -17.17 11.35 -34.52
C PRO A 287 -17.36 11.69 -33.03
N GLN A 288 -17.81 10.71 -32.23
CA GLN A 288 -18.31 10.97 -30.87
C GLN A 288 -17.36 10.43 -29.78
N MET A 289 -16.94 11.32 -28.89
CA MET A 289 -15.97 10.99 -27.84
C MET A 289 -16.69 10.50 -26.59
N GLU A 290 -16.46 9.22 -26.24
CA GLU A 290 -16.92 8.69 -24.95
C GLU A 290 -15.85 8.14 -23.99
N PRO A 291 -15.97 8.53 -22.68
CA PRO A 291 -17.06 9.46 -22.19
C PRO A 291 -16.76 10.93 -22.57
N THR A 292 -17.71 11.84 -22.35
CA THR A 292 -17.59 13.29 -22.65
C THR A 292 -16.98 14.21 -21.53
N ARG A 293 -17.08 13.73 -20.30
CA ARG A 293 -16.53 14.40 -19.13
C ARG A 293 -15.83 13.34 -18.35
N GLY A 294 -14.79 13.71 -17.61
CA GLY A 294 -14.24 12.76 -16.64
C GLY A 294 -12.82 13.08 -16.32
N LYS A 295 -12.07 12.07 -15.99
CA LYS A 295 -10.67 12.25 -15.65
C LYS A 295 -9.82 11.57 -16.68
N LEU A 296 -8.66 12.14 -16.94
CA LEU A 296 -7.88 11.72 -18.10
C LEU A 296 -7.36 10.30 -17.97
N CYS A 297 -7.12 9.86 -16.75
CA CYS A 297 -6.56 8.54 -16.58
C CYS A 297 -7.66 7.48 -16.75
N GLY A 298 -8.92 7.92 -16.87
CA GLY A 298 -10.03 7.04 -17.24
C GLY A 298 -9.96 6.41 -18.64
N PHE A 299 -9.14 6.94 -19.53
CA PHE A 299 -8.83 6.26 -20.77
C PHE A 299 -7.80 5.18 -20.51
N THR A 300 -8.17 4.14 -19.79
CA THR A 300 -7.16 3.24 -19.25
C THR A 300 -6.55 2.34 -20.27
N GLU A 301 -7.37 1.85 -21.17
CA GLU A 301 -6.82 0.99 -22.24
C GLU A 301 -5.91 1.72 -23.17
N GLU A 302 -6.25 2.97 -23.48
CA GLU A 302 -5.45 3.78 -24.35
C GLU A 302 -4.12 4.09 -23.70
N ILE A 303 -4.16 4.54 -22.46
CA ILE A 303 -2.91 4.90 -21.77
C ILE A 303 -2.07 3.68 -21.56
N SER A 304 -2.65 2.55 -21.14
CA SER A 304 -1.86 1.30 -20.99
C SER A 304 -1.21 0.87 -22.24
N ALA A 305 -1.95 1.03 -23.33
CA ALA A 305 -1.44 0.60 -24.63
C ALA A 305 -0.24 1.45 -24.99
N ILE A 306 -0.37 2.75 -24.84
CA ILE A 306 0.73 3.64 -25.17
C ILE A 306 1.92 3.40 -24.27
N GLN A 307 1.69 3.23 -22.97
CA GLN A 307 2.80 2.90 -22.09
C GLN A 307 3.47 1.63 -22.48
N LYS A 308 2.70 0.64 -22.84
CA LYS A 308 3.27 -0.62 -23.26
C LYS A 308 4.07 -0.46 -24.58
N MET A 309 3.58 0.35 -25.49
CA MET A 309 4.35 0.60 -26.74
C MET A 309 5.68 1.24 -26.47
N ILE A 310 5.68 2.19 -25.55
CA ILE A 310 6.92 2.85 -25.22
C ILE A 310 7.86 1.92 -24.51
N THR A 311 7.35 1.18 -23.54
CA THR A 311 8.12 0.15 -22.85
C THR A 311 8.77 -0.84 -23.83
N ASP A 312 7.99 -1.32 -24.81
CA ASP A 312 8.52 -2.24 -25.84
C ASP A 312 9.51 -1.60 -26.81
N ALA A 313 9.27 -0.37 -27.16
CA ALA A 313 10.26 0.33 -27.96
C ALA A 313 11.54 0.62 -27.18
N GLN A 314 11.46 0.91 -25.87
CA GLN A 314 12.72 1.10 -25.11
C GLN A 314 13.50 -0.21 -25.07
N GLU A 315 12.81 -1.31 -24.88
CA GLU A 315 13.49 -2.59 -24.91
C GLU A 315 14.12 -2.85 -26.30
N LEU A 316 13.42 -2.49 -27.33
CA LEU A 316 13.89 -2.67 -28.69
C LEU A 316 15.15 -1.89 -28.97
N VAL A 317 15.13 -0.64 -28.60
CA VAL A 317 16.30 0.20 -28.77
C VAL A 317 17.47 -0.26 -27.88
N ASN A 318 17.19 -0.84 -26.75
CA ASN A 318 18.28 -1.50 -25.97
C ASN A 318 19.05 -2.64 -26.64
N GLN A 319 18.45 -3.32 -27.59
CA GLN A 319 19.16 -4.32 -28.33
C GLN A 319 20.28 -3.73 -29.21
N THR A 320 20.24 -2.43 -29.44
CA THR A 320 21.26 -1.80 -30.28
C THR A 320 22.65 -2.02 -29.72
N SER A 321 22.81 -1.88 -28.42
CA SER A 321 24.16 -1.97 -27.92
C SER A 321 24.64 -3.43 -27.90
N VAL A 322 23.71 -4.35 -27.77
CA VAL A 322 24.04 -5.77 -27.87
C VAL A 322 24.58 -6.06 -29.25
N ILE A 323 23.90 -5.54 -30.28
CA ILE A 323 24.39 -5.70 -31.62
C ILE A 323 25.76 -5.06 -31.83
N ASN A 324 25.91 -3.83 -31.39
CA ASN A 324 27.21 -3.18 -31.53
C ASN A 324 28.33 -3.86 -30.86
N GLU A 325 28.14 -4.36 -29.65
CA GLU A 325 29.28 -4.97 -28.96
C GLU A 325 29.60 -6.38 -29.48
N HIS A 326 28.75 -6.96 -30.33
CA HIS A 326 29.06 -8.27 -30.91
C HIS A 326 29.05 -8.22 -32.45
N GLU A 327 29.91 -7.40 -33.02
CA GLU A 327 30.12 -7.34 -34.46
C GLU A 327 30.58 -8.68 -35.02
N GLN A 328 30.12 -8.99 -36.23
CA GLN A 328 30.31 -10.27 -36.84
C GLN A 328 31.11 -10.13 -38.09
N SER A 329 31.96 -9.13 -38.17
CA SER A 329 32.68 -8.89 -39.42
C SER A 329 34.04 -9.59 -39.53
N THR A 330 34.60 -10.11 -38.46
CA THR A 330 35.81 -10.89 -38.58
C THR A 330 35.57 -12.32 -39.09
N PRO A 331 36.24 -12.75 -40.18
CA PRO A 331 36.03 -14.12 -40.62
C PRO A 331 36.59 -15.11 -39.61
N VAL A 332 35.97 -16.28 -39.57
CA VAL A 332 36.33 -17.35 -38.66
C VAL A 332 36.76 -18.56 -39.49
N GLY A 333 37.53 -19.46 -38.90
CA GLY A 333 37.98 -20.72 -39.57
C GLY A 333 38.74 -21.60 -38.61
N GLY A 334 39.45 -22.60 -39.09
CA GLY A 334 40.33 -23.37 -38.20
C GLY A 334 41.51 -22.44 -37.95
N ASN A 335 42.52 -22.96 -37.29
CA ASN A 335 43.75 -22.21 -37.21
C ASN A 335 44.92 -23.16 -37.46
N ASN A 336 46.11 -22.62 -37.66
CA ASN A 336 47.26 -23.38 -38.14
C ASN A 336 46.95 -24.37 -39.27
N GLY A 337 46.12 -23.92 -40.21
CA GLY A 337 45.70 -24.70 -41.38
C GLY A 337 45.04 -26.02 -41.06
N LYS A 338 44.56 -26.20 -39.82
CA LYS A 338 43.92 -27.45 -39.42
C LYS A 338 42.49 -27.24 -39.84
N PRO A 339 41.81 -28.29 -40.30
CA PRO A 339 40.38 -28.17 -40.50
C PRO A 339 39.64 -27.61 -39.28
N PHE A 340 38.54 -26.95 -39.56
CA PHE A 340 37.74 -26.30 -38.56
C PHE A 340 37.15 -27.38 -37.66
N ASN A 341 37.25 -27.20 -36.36
CA ASN A 341 36.72 -28.15 -35.42
C ASN A 341 35.64 -27.44 -34.65
N PRO A 342 34.40 -27.78 -34.94
CA PRO A 342 33.20 -27.19 -34.32
C PRO A 342 33.14 -27.35 -32.81
N PHE A 343 33.84 -28.33 -32.28
CA PHE A 343 33.90 -28.54 -30.84
C PHE A 343 34.92 -27.67 -30.11
N THR A 344 35.97 -27.21 -30.80
CA THR A 344 37.02 -26.43 -30.14
C THR A 344 37.23 -25.02 -30.68
N ASP A 345 36.95 -24.79 -31.93
CA ASP A 345 37.35 -23.58 -32.56
C ASP A 345 36.21 -22.63 -32.62
N ALA A 346 35.21 -22.73 -31.74
CA ALA A 346 34.07 -21.90 -31.93
C ALA A 346 33.72 -20.96 -30.84
N SER A 347 34.73 -20.30 -30.28
CA SER A 347 34.49 -19.34 -29.20
C SER A 347 33.79 -18.07 -29.64
N PHE A 348 33.80 -17.80 -30.95
CA PHE A 348 32.94 -16.71 -31.51
C PHE A 348 31.42 -16.96 -31.42
N ALA A 349 31.01 -18.20 -31.29
CA ALA A 349 29.59 -18.55 -31.42
C ALA A 349 28.69 -17.83 -30.42
N GLN A 350 29.19 -17.68 -29.22
CA GLN A 350 28.46 -17.01 -28.16
C GLN A 350 27.98 -15.62 -28.54
N GLY A 351 28.90 -14.86 -29.12
CA GLY A 351 28.62 -13.49 -29.54
C GLY A 351 27.74 -13.48 -30.75
N MET A 352 27.87 -14.47 -31.62
CA MET A 352 27.06 -14.54 -32.80
C MET A 352 25.61 -14.82 -32.43
N LEU A 353 25.44 -15.65 -31.44
CA LEU A 353 24.14 -15.98 -30.95
C LEU A 353 23.52 -14.79 -30.29
N ALA A 354 24.28 -14.10 -29.45
CA ALA A 354 23.74 -12.89 -28.82
C ALA A 354 23.40 -11.85 -29.86
N ASN A 355 24.22 -11.66 -30.88
CA ASN A 355 23.84 -10.71 -31.92
C ASN A 355 22.55 -11.14 -32.70
N ALA A 356 22.49 -12.39 -33.13
CA ALA A 356 21.30 -12.88 -33.82
C ALA A 356 20.05 -12.79 -32.98
N SER A 357 20.12 -13.21 -31.73
CA SER A 357 19.02 -13.13 -30.81
C SER A 357 18.57 -11.72 -30.56
N ALA A 358 19.52 -10.82 -30.48
CA ALA A 358 19.14 -9.44 -30.30
C ALA A 358 18.40 -8.90 -31.54
N GLN A 359 18.85 -9.24 -32.74
CA GLN A 359 18.15 -8.76 -33.94
C GLN A 359 16.72 -9.32 -34.01
N ALA A 360 16.55 -10.57 -33.67
CA ALA A 360 15.25 -11.23 -33.70
C ALA A 360 14.35 -10.58 -32.70
N LYS A 361 14.90 -10.28 -31.53
CA LYS A 361 14.16 -9.63 -30.49
C LYS A 361 13.70 -8.22 -30.93
N MET A 362 14.53 -7.49 -31.63
CA MET A 362 14.12 -6.21 -32.17
C MET A 362 12.93 -6.36 -33.09
N LEU A 363 13.01 -7.35 -33.96
CA LEU A 363 11.99 -7.53 -34.93
C LEU A 363 10.69 -7.95 -34.24
N ASN A 364 10.74 -8.85 -33.27
CA ASN A 364 9.52 -9.21 -32.61
C ASN A 364 8.88 -8.09 -31.83
N LEU A 365 9.69 -7.24 -31.22
CA LEU A 365 9.18 -6.15 -30.40
C LEU A 365 8.63 -5.07 -31.31
N ALA A 366 9.27 -4.88 -32.45
CA ALA A 366 8.75 -3.93 -33.40
C ALA A 366 7.34 -4.36 -33.87
N HIS A 367 7.17 -5.66 -34.11
CA HIS A 367 5.88 -6.18 -34.47
C HIS A 367 4.88 -5.95 -33.35
N GLN A 368 5.32 -6.19 -32.13
CA GLN A 368 4.41 -6.13 -30.99
C GLN A 368 3.92 -4.65 -30.70
N VAL A 369 4.76 -3.67 -30.98
CA VAL A 369 4.34 -2.29 -30.91
C VAL A 369 3.20 -2.07 -31.87
N GLY A 370 3.38 -2.54 -33.08
CA GLY A 370 2.34 -2.34 -34.11
C GLY A 370 1.03 -2.99 -33.73
N GLN A 371 1.10 -4.19 -33.18
CA GLN A 371 -0.15 -4.94 -32.85
C GLN A 371 -0.88 -4.36 -31.64
N THR A 372 -0.16 -3.61 -30.81
CA THR A 372 -0.75 -3.02 -29.61
C THR A 372 -1.75 -1.92 -29.99
N ILE A 373 -1.51 -1.24 -31.10
CA ILE A 373 -2.32 -0.09 -31.48
C ILE A 373 -3.09 -0.32 -32.76
N ASN A 374 -2.73 -1.34 -33.55
CA ASN A 374 -3.39 -1.52 -34.83
C ASN A 374 -4.89 -1.75 -34.69
N PRO A 375 -5.70 -0.89 -35.30
CA PRO A 375 -7.15 -0.95 -35.06
C PRO A 375 -7.77 -2.19 -35.56
N ASP A 376 -7.08 -2.93 -36.42
CA ASP A 376 -7.66 -4.20 -36.89
C ASP A 376 -7.87 -5.15 -35.70
N ASN A 377 -7.07 -5.09 -34.63
CA ASN A 377 -7.29 -6.06 -33.58
C ASN A 377 -7.87 -5.44 -32.32
N LEU A 378 -8.50 -4.28 -32.47
CA LEU A 378 -8.99 -3.59 -31.33
C LEU A 378 -10.46 -3.73 -31.28
N THR A 379 -10.98 -3.57 -30.08
CA THR A 379 -12.39 -3.69 -29.85
C THR A 379 -13.01 -2.46 -29.14
N GLY A 380 -14.29 -2.24 -29.40
CA GLY A 380 -15.12 -1.27 -28.71
C GLY A 380 -14.66 0.17 -28.67
N THR A 381 -14.75 0.74 -27.49
CA THR A 381 -14.41 2.11 -27.20
C THR A 381 -12.94 2.48 -27.53
N PHE A 382 -12.04 1.54 -27.31
CA PHE A 382 -10.67 1.75 -27.61
C PHE A 382 -10.47 1.77 -29.15
N LYS A 383 -11.12 0.84 -29.86
CA LYS A 383 -11.12 0.90 -31.30
C LYS A 383 -11.65 2.23 -31.80
N ASN A 384 -12.78 2.69 -31.24
CA ASN A 384 -13.31 4.00 -31.64
C ASN A 384 -12.33 5.13 -31.38
N PHE A 385 -11.60 5.05 -30.30
CA PHE A 385 -10.71 6.13 -30.01
C PHE A 385 -9.67 6.19 -31.09
N VAL A 386 -9.12 5.05 -31.46
CA VAL A 386 -8.01 5.04 -32.41
C VAL A 386 -8.51 5.41 -33.82
N THR A 387 -9.59 4.79 -34.29
CA THR A 387 -10.04 5.06 -35.67
C THR A 387 -10.72 6.41 -35.79
N GLY A 388 -11.46 6.85 -34.80
CA GLY A 388 -12.16 8.13 -34.89
C GLY A 388 -11.31 9.34 -34.53
N PHE A 389 -10.22 9.18 -33.77
CA PHE A 389 -9.49 10.37 -33.28
C PHE A 389 -7.98 10.29 -33.42
N LEU A 390 -7.39 9.24 -32.87
CA LEU A 390 -5.96 9.16 -32.83
C LEU A 390 -5.32 9.01 -34.21
N ALA A 391 -5.90 8.18 -35.04
CA ALA A 391 -5.43 8.03 -36.40
C ALA A 391 -6.16 8.94 -37.35
N THR A 392 -6.32 10.19 -37.03
CA THR A 392 -6.86 11.17 -37.99
C THR A 392 -6.08 12.44 -37.81
N CYS A 393 -6.27 13.37 -38.73
CA CYS A 393 -5.72 14.69 -38.58
C CYS A 393 -6.65 15.70 -39.13
N ASN A 394 -6.93 16.75 -38.40
CA ASN A 394 -7.83 17.76 -38.94
C ASN A 394 -7.10 18.96 -39.44
N ASN A 395 -5.78 18.97 -39.39
CA ASN A 395 -5.06 20.13 -39.94
C ASN A 395 -5.38 20.17 -41.42
N LYS A 396 -5.57 21.36 -41.97
CA LYS A 396 -5.59 21.53 -43.43
C LYS A 396 -4.16 21.50 -43.94
N GLY A 406 -0.38 16.52 -46.94
CA GLY A 406 -0.23 16.54 -45.47
C GLY A 406 0.57 17.74 -44.98
N SER A 407 0.15 18.35 -43.86
CA SER A 407 1.02 19.29 -43.12
C SER A 407 2.20 18.47 -42.56
N PRO A 408 3.40 19.07 -42.47
CA PRO A 408 4.55 18.27 -41.97
C PRO A 408 4.30 17.65 -40.60
N PRO A 409 5.02 16.58 -40.25
CA PRO A 409 4.86 16.22 -38.85
C PRO A 409 5.30 17.36 -37.91
N GLY A 410 4.71 17.35 -36.72
CA GLY A 410 5.00 18.28 -35.65
C GLY A 410 4.36 19.65 -35.76
N THR A 411 3.35 19.82 -36.61
CA THR A 411 2.80 21.17 -36.78
C THR A 411 1.50 21.25 -36.02
N VAL A 412 1.39 22.30 -35.21
CA VAL A 412 0.21 22.58 -34.45
C VAL A 412 -0.55 23.65 -35.12
N THR A 413 -1.82 23.43 -35.45
CA THR A 413 -2.65 24.50 -36.05
C THR A 413 -3.85 24.74 -35.14
N THR A 414 -4.70 25.70 -35.50
CA THR A 414 -5.92 25.92 -34.74
C THR A 414 -6.91 24.77 -34.89
N GLN A 415 -6.63 23.83 -35.79
CA GLN A 415 -7.51 22.67 -35.95
C GLN A 415 -6.88 21.34 -35.56
N THR A 416 -5.74 21.38 -34.91
CA THR A 416 -5.17 20.13 -34.48
C THR A 416 -6.02 19.43 -33.40
N PHE A 417 -6.65 20.18 -32.54
CA PHE A 417 -7.32 19.59 -31.38
C PHE A 417 -8.33 18.50 -31.76
N ALA A 418 -8.48 17.51 -30.89
CA ALA A 418 -9.39 16.38 -31.08
C ALA A 418 -8.97 15.47 -32.22
N SER A 419 -7.72 15.54 -32.68
CA SER A 419 -7.25 14.61 -33.67
C SER A 419 -5.78 14.36 -33.37
N GLY A 420 -5.25 13.23 -33.79
CA GLY A 420 -3.91 12.87 -33.38
C GLY A 420 -2.89 13.67 -34.11
N CYS A 421 -3.10 13.81 -35.40
CA CYS A 421 -2.23 14.60 -36.22
C CYS A 421 -0.81 14.15 -36.01
N ALA A 422 -0.58 12.86 -35.96
CA ALA A 422 0.75 12.38 -35.75
C ALA A 422 1.05 11.17 -36.64
N TYR A 423 0.42 11.11 -37.81
CA TYR A 423 0.81 10.13 -38.83
C TYR A 423 0.70 8.67 -38.31
N VAL A 424 -0.23 8.47 -37.38
CA VAL A 424 -0.36 7.17 -36.83
C VAL A 424 -0.74 6.10 -37.90
N GLU A 425 -1.72 6.36 -38.70
CA GLU A 425 -2.09 5.37 -39.68
C GLU A 425 -0.94 5.16 -40.71
N GLN A 426 -0.33 6.24 -41.19
CA GLN A 426 0.72 6.05 -42.17
C GLN A 426 1.87 5.25 -41.57
N THR A 427 2.09 5.37 -40.28
CA THR A 427 3.21 4.72 -39.66
C THR A 427 2.94 3.24 -39.48
N ILE A 428 1.71 2.88 -39.10
CA ILE A 428 1.32 1.47 -39.02
C ILE A 428 1.56 0.82 -40.39
N THR A 429 1.04 1.45 -41.44
CA THR A 429 1.26 0.95 -42.79
C THR A 429 2.76 0.77 -43.11
N ASN A 430 3.60 1.74 -42.73
CA ASN A 430 5.02 1.68 -43.09
C ASN A 430 5.76 0.67 -42.27
N LEU A 431 5.30 0.46 -41.08
CA LEU A 431 5.80 -0.65 -40.27
C LEU A 431 5.49 -1.99 -40.94
N ASN A 432 4.27 -2.21 -41.37
CA ASN A 432 3.92 -3.42 -42.05
C ASN A 432 4.67 -3.59 -43.36
N ASN A 433 4.78 -2.54 -44.14
CA ASN A 433 5.62 -2.61 -45.33
C ASN A 433 7.04 -2.94 -45.04
N SER A 434 7.60 -2.35 -44.02
CA SER A 434 8.98 -2.68 -43.76
C SER A 434 9.12 -4.16 -43.28
N ILE A 435 8.17 -4.66 -42.51
CA ILE A 435 8.22 -6.05 -42.10
C ILE A 435 8.08 -6.99 -43.27
N ALA A 436 7.22 -6.67 -44.21
CA ALA A 436 7.09 -7.51 -45.36
C ALA A 436 8.39 -7.53 -46.17
N HIS A 437 9.11 -6.42 -46.16
CA HIS A 437 10.38 -6.32 -46.93
C HIS A 437 11.59 -6.90 -46.13
N PHE A 438 11.32 -7.48 -44.99
CA PHE A 438 12.34 -8.05 -44.17
C PHE A 438 12.21 -9.56 -44.15
N GLY A 439 11.40 -10.14 -45.03
CA GLY A 439 11.22 -11.59 -45.08
C GLY A 439 12.49 -12.43 -45.15
N THR A 440 13.37 -12.10 -46.08
CA THR A 440 14.66 -12.77 -46.22
C THR A 440 15.54 -12.61 -45.01
N GLN A 441 15.65 -11.39 -44.52
CA GLN A 441 16.56 -11.13 -43.43
C GLN A 441 16.13 -11.84 -42.18
N GLU A 442 14.83 -11.92 -41.96
CA GLU A 442 14.36 -12.61 -40.81
C GLU A 442 14.77 -14.12 -40.90
N GLN A 443 14.65 -14.75 -42.07
CA GLN A 443 15.06 -16.16 -42.15
C GLN A 443 16.58 -16.26 -41.98
N GLN A 444 17.33 -15.31 -42.48
CA GLN A 444 18.75 -15.34 -42.31
C GLN A 444 19.18 -15.19 -40.85
N ILE A 445 18.48 -14.38 -40.10
CA ILE A 445 18.74 -14.20 -38.72
C ILE A 445 18.44 -15.48 -37.91
N GLN A 446 17.31 -16.10 -38.18
CA GLN A 446 16.99 -17.39 -37.57
C GLN A 446 18.05 -18.44 -37.91
N GLN A 447 18.52 -18.44 -39.14
CA GLN A 447 19.52 -19.42 -39.50
C GLN A 447 20.84 -19.14 -38.77
N ALA A 448 21.25 -17.89 -38.72
CA ALA A 448 22.49 -17.56 -37.99
C ALA A 448 22.37 -17.96 -36.52
N GLU A 449 21.23 -17.71 -35.92
CA GLU A 449 20.97 -18.10 -34.55
C GLU A 449 21.04 -19.61 -34.36
N ASN A 450 20.43 -20.39 -35.26
CA ASN A 450 20.52 -21.81 -35.19
C ASN A 450 21.94 -22.39 -35.36
N ILE A 451 22.72 -21.77 -36.24
CA ILE A 451 24.11 -22.15 -36.42
C ILE A 451 24.90 -21.91 -35.13
N ALA A 452 24.80 -20.71 -34.61
CA ALA A 452 25.54 -20.34 -33.45
C ALA A 452 25.16 -21.19 -32.26
N ASP A 453 23.87 -21.44 -32.14
CA ASP A 453 23.37 -22.26 -31.06
C ASP A 453 23.86 -23.69 -31.20
N THR A 454 23.93 -24.22 -32.40
CA THR A 454 24.52 -25.54 -32.58
C THR A 454 26.00 -25.55 -32.12
N LEU A 455 26.73 -24.50 -32.43
CA LEU A 455 28.13 -24.38 -32.01
C LEU A 455 28.27 -24.13 -30.52
N VAL A 456 27.44 -23.31 -29.91
CA VAL A 456 27.48 -23.21 -28.44
C VAL A 456 27.24 -24.56 -27.78
N ASN A 457 26.27 -25.33 -28.26
CA ASN A 457 26.07 -26.70 -27.79
C ASN A 457 27.25 -27.60 -27.92
N PHE A 458 27.85 -27.69 -29.09
CA PHE A 458 29.01 -28.52 -29.28
C PHE A 458 30.21 -28.16 -28.42
N GLY A 459 30.42 -26.87 -28.16
CA GLY A 459 31.52 -26.40 -27.34
C GLY A 459 31.36 -26.44 -25.84
N SER A 460 30.19 -26.83 -25.33
CA SER A 460 29.88 -26.72 -23.89
C SER A 460 30.33 -27.88 -22.96
N GLU B 32 -23.78 39.09 25.63
CA GLU B 32 -24.70 40.22 25.26
C GLU B 32 -26.06 39.79 24.66
N ASN B 33 -26.05 38.94 23.65
CA ASN B 33 -27.14 38.83 22.67
C ASN B 33 -26.87 37.57 21.92
N LEU B 34 -27.90 36.81 21.69
CA LEU B 34 -27.67 35.43 21.40
C LEU B 34 -27.40 35.20 19.91
N SER B 35 -28.07 35.95 19.04
CA SER B 35 -27.73 35.94 17.61
C SER B 35 -26.23 36.20 17.44
N LYS B 36 -25.70 37.23 18.11
CA LYS B 36 -24.31 37.60 17.95
C LYS B 36 -23.41 36.44 18.40
N LEU B 37 -23.87 35.66 19.36
CA LEU B 37 -23.10 34.54 19.84
C LEU B 37 -23.22 33.26 18.95
N LEU B 38 -24.39 32.99 18.45
CA LEU B 38 -24.59 31.89 17.50
C LEU B 38 -23.93 32.14 16.12
N THR B 39 -23.61 33.39 15.84
CA THR B 39 -22.70 33.73 14.73
C THR B 39 -21.31 33.16 14.98
N ARG B 40 -20.71 33.49 16.12
CA ARG B 40 -19.39 32.98 16.48
C ARG B 40 -19.41 31.44 16.58
N TYR B 41 -20.45 30.82 17.18
CA TYR B 41 -20.43 29.38 17.51
C TYR B 41 -21.57 28.59 16.92
N SER B 42 -21.51 28.32 15.62
CA SER B 42 -22.67 27.77 14.94
C SER B 42 -23.02 26.36 15.41
N THR B 43 -22.06 25.63 15.97
CA THR B 43 -22.41 24.35 16.50
C THR B 43 -23.24 24.45 17.78
N LEU B 44 -23.25 25.63 18.39
CA LEU B 44 -24.07 25.86 19.59
C LEU B 44 -25.50 26.05 19.22
N ASN B 45 -25.70 26.70 18.11
CA ASN B 45 -27.00 26.75 17.57
C ASN B 45 -27.61 25.38 17.29
N THR B 46 -26.82 24.50 16.70
CA THR B 46 -27.26 23.14 16.44
C THR B 46 -27.55 22.45 17.78
N LEU B 47 -26.74 22.70 18.82
CA LEU B 47 -26.97 22.05 20.11
C LEU B 47 -28.35 22.47 20.67
N ILE B 48 -28.71 23.71 20.48
CA ILE B 48 -29.94 24.20 21.03
C ILE B 48 -31.15 23.62 20.28
N LYS B 49 -31.07 23.60 18.98
CA LYS B 49 -32.12 22.99 18.21
C LYS B 49 -32.36 21.54 18.65
N LEU B 50 -31.29 20.77 18.91
CA LEU B 50 -31.41 19.40 19.30
C LEU B 50 -32.02 19.23 20.69
N SER B 51 -31.63 20.09 21.60
CA SER B 51 -32.15 20.12 22.98
C SER B 51 -33.60 20.49 23.04
N ALA B 52 -34.15 21.08 21.98
CA ALA B 52 -35.57 21.38 22.01
C ALA B 52 -36.40 20.32 21.29
N ASP B 53 -35.78 19.25 20.85
CA ASP B 53 -36.46 18.30 20.00
C ASP B 53 -36.52 16.92 20.67
N PRO B 54 -37.71 16.50 21.11
CA PRO B 54 -37.72 15.22 21.82
C PRO B 54 -37.12 14.05 21.01
N SER B 55 -37.24 14.05 19.71
CA SER B 55 -36.74 12.91 19.02
C SER B 55 -35.21 12.93 18.96
N ALA B 56 -34.57 14.08 18.90
CA ALA B 56 -33.14 14.09 19.06
C ALA B 56 -32.67 13.73 20.49
N ILE B 57 -33.44 14.11 21.48
CA ILE B 57 -33.09 13.78 22.84
C ILE B 57 -33.20 12.27 23.05
N ASN B 58 -34.29 11.71 22.57
CA ASN B 58 -34.47 10.25 22.62
C ASN B 58 -33.38 9.47 21.87
N ALA B 59 -32.97 9.94 20.71
CA ALA B 59 -31.90 9.31 19.98
C ALA B 59 -30.62 9.35 20.83
N ALA B 60 -30.37 10.45 21.55
CA ALA B 60 -29.16 10.52 22.38
C ALA B 60 -29.25 9.59 23.57
N ARG B 61 -30.43 9.46 24.10
CA ARG B 61 -30.69 8.48 25.15
C ARG B 61 -30.53 7.03 24.70
N GLU B 62 -31.03 6.66 23.55
CA GLU B 62 -30.72 5.34 23.01
C GLU B 62 -29.22 5.15 22.85
N ASN B 63 -28.52 6.15 22.33
CA ASN B 63 -27.09 6.01 22.20
C ASN B 63 -26.42 5.69 23.49
N LEU B 64 -26.86 6.34 24.57
CA LEU B 64 -26.26 6.12 25.87
C LEU B 64 -26.51 4.71 26.36
N GLY B 65 -27.66 4.16 26.05
CA GLY B 65 -27.94 2.77 26.38
C GLY B 65 -27.02 1.84 25.59
N ALA B 66 -26.74 2.13 24.32
CA ALA B 66 -25.91 1.23 23.53
C ALA B 66 -24.47 1.41 23.97
N SER B 67 -24.03 2.61 24.27
CA SER B 67 -22.65 2.73 24.68
C SER B 67 -22.39 2.14 26.07
N ALA B 68 -23.38 2.16 26.93
CA ALA B 68 -23.28 1.52 28.21
C ALA B 68 -23.14 0.03 28.06
N LYS B 69 -23.90 -0.57 27.18
CA LYS B 69 -23.73 -1.97 26.92
C LYS B 69 -22.30 -2.28 26.40
N ASN B 70 -21.74 -1.44 25.53
CA ASN B 70 -20.40 -1.66 25.10
C ASN B 70 -19.44 -1.57 26.29
N LEU B 71 -19.62 -0.62 27.20
CA LEU B 71 -18.66 -0.44 28.27
C LEU B 71 -18.81 -1.52 29.33
N ILE B 72 -20.03 -1.83 29.78
CA ILE B 72 -20.17 -2.73 30.93
C ILE B 72 -20.66 -4.13 30.58
N GLY B 73 -21.13 -4.32 29.36
CA GLY B 73 -21.62 -5.63 28.95
C GLY B 73 -20.68 -6.41 28.01
N ASP B 74 -19.71 -5.76 27.35
CA ASP B 74 -18.83 -6.47 26.43
C ASP B 74 -17.48 -6.73 27.08
N THR B 75 -16.66 -7.52 26.42
CA THR B 75 -15.34 -7.75 26.95
C THR B 75 -14.29 -7.26 25.95
N LYS B 76 -14.07 -8.01 24.90
CA LYS B 76 -13.09 -7.62 23.90
C LYS B 76 -13.24 -6.16 23.54
N ASN B 77 -14.43 -5.69 23.24
CA ASN B 77 -14.60 -4.36 22.76
C ASN B 77 -14.80 -3.30 23.80
N SER B 78 -14.70 -3.61 25.10
CA SER B 78 -14.86 -2.61 26.09
C SER B 78 -13.51 -2.07 26.56
N PRO B 79 -13.30 -0.78 26.41
CA PRO B 79 -12.09 -0.24 26.91
C PRO B 79 -12.05 -0.33 28.42
N ALA B 80 -13.22 -0.34 29.03
CA ALA B 80 -13.26 -0.47 30.48
C ALA B 80 -12.83 -1.85 30.94
N TYR B 81 -13.32 -2.86 30.27
CA TYR B 81 -12.88 -4.21 30.59
C TYR B 81 -11.37 -4.34 30.34
N GLN B 82 -10.88 -3.85 29.22
CA GLN B 82 -9.45 -4.04 28.92
C GLN B 82 -8.58 -3.34 29.98
N ALA B 83 -9.03 -2.23 30.52
CA ALA B 83 -8.25 -1.51 31.49
C ALA B 83 -8.20 -2.18 32.87
N VAL B 84 -9.32 -2.74 33.26
CA VAL B 84 -9.38 -3.59 34.44
C VAL B 84 -8.48 -4.82 34.32
N LEU B 85 -8.57 -5.50 33.21
CA LEU B 85 -7.67 -6.60 32.93
C LEU B 85 -6.16 -6.18 33.00
N LEU B 86 -5.84 -5.00 32.51
CA LEU B 86 -4.47 -4.58 32.41
C LEU B 86 -3.95 -4.25 33.81
N ALA B 87 -4.79 -3.66 34.66
CA ALA B 87 -4.36 -3.39 36.02
C ALA B 87 -4.09 -4.66 36.82
N ILE B 88 -4.95 -5.64 36.68
CA ILE B 88 -4.73 -6.92 37.29
C ILE B 88 -3.48 -7.62 36.72
N ASN B 89 -3.36 -7.70 35.41
CA ASN B 89 -2.21 -8.39 34.88
C ASN B 89 -0.93 -7.75 35.21
N ALA B 90 -0.90 -6.46 35.36
CA ALA B 90 0.34 -5.81 35.70
C ALA B 90 0.79 -6.26 37.12
N ALA B 91 -0.14 -6.40 38.04
CA ALA B 91 0.20 -6.78 39.41
C ALA B 91 0.73 -8.18 39.45
N VAL B 92 -0.01 -9.07 38.80
CA VAL B 92 0.36 -10.46 38.72
C VAL B 92 1.71 -10.57 38.02
N GLY B 93 1.87 -9.86 36.92
CA GLY B 93 3.15 -9.88 36.18
C GLY B 93 4.32 -9.44 37.04
N PHE B 94 4.08 -8.45 37.88
CA PHE B 94 5.15 -7.92 38.72
C PHE B 94 5.72 -9.01 39.65
N TRP B 95 4.84 -9.81 40.22
CA TRP B 95 5.29 -10.91 41.05
C TRP B 95 5.90 -12.04 40.20
N ASN B 96 5.39 -12.27 39.00
CA ASN B 96 6.00 -13.27 38.17
C ASN B 96 7.44 -12.89 37.82
N VAL B 97 7.69 -11.59 37.70
CA VAL B 97 9.04 -11.13 37.41
C VAL B 97 9.98 -11.33 38.59
N LEU B 98 9.55 -10.96 39.78
CA LEU B 98 10.45 -10.85 40.94
C LEU B 98 10.29 -11.91 42.03
N GLY B 99 9.20 -12.68 42.00
CA GLY B 99 8.92 -13.62 43.06
C GLY B 99 10.08 -14.59 43.30
N TYR B 100 10.65 -15.17 42.25
CA TYR B 100 11.66 -16.18 42.43
C TYR B 100 12.91 -15.63 43.13
N ALA B 101 13.09 -14.33 43.13
CA ALA B 101 14.31 -13.72 43.65
C ALA B 101 14.13 -13.21 45.07
N THR B 102 12.94 -13.37 45.58
CA THR B 102 12.55 -12.75 46.82
C THR B 102 12.86 -13.73 47.97
N GLN B 103 13.58 -13.31 48.98
CA GLN B 103 13.85 -14.20 50.08
C GLN B 103 12.58 -14.35 50.90
N CYS B 104 12.32 -15.56 51.43
CA CYS B 104 11.33 -15.78 52.48
C CYS B 104 11.78 -16.89 53.36
N GLY B 105 11.29 -16.88 54.61
CA GLY B 105 11.55 -17.95 55.55
C GLY B 105 11.05 -17.67 56.97
N GLY B 106 11.62 -18.42 57.92
CA GLY B 106 11.23 -18.32 59.33
C GLY B 106 10.02 -19.18 59.69
N ASN B 107 9.53 -18.92 60.87
CA ASN B 107 8.45 -19.68 61.48
C ASN B 107 7.22 -18.81 61.63
N ALA B 108 6.21 -19.38 62.26
CA ALA B 108 4.87 -18.86 62.18
C ALA B 108 4.75 -17.51 62.85
N ASN B 109 5.61 -17.18 63.77
CA ASN B 109 5.31 -15.91 64.41
C ASN B 109 5.92 -14.70 63.70
N GLY B 110 6.36 -14.86 62.45
CA GLY B 110 7.34 -13.99 61.84
C GLY B 110 8.74 -14.10 62.44
N GLN B 111 9.01 -15.13 63.23
CA GLN B 111 10.32 -15.25 63.85
C GLN B 111 11.27 -16.03 63.00
N GLU B 112 12.55 -15.84 63.24
CA GLU B 112 13.56 -16.63 62.56
C GLU B 112 13.43 -18.11 62.91
N SER B 113 13.87 -18.96 62.01
CA SER B 113 13.79 -20.41 62.20
C SER B 113 15.18 -21.01 62.16
N THR B 114 15.36 -22.15 62.79
CA THR B 114 16.59 -22.90 62.69
C THR B 114 16.62 -23.77 61.43
N SER B 115 15.55 -24.50 61.09
CA SER B 115 15.62 -25.39 59.93
C SER B 115 14.25 -25.63 59.31
N SER B 116 13.64 -24.57 58.82
CA SER B 116 12.31 -24.70 58.32
C SER B 116 12.37 -24.50 56.86
N THR B 117 11.71 -25.37 56.13
CA THR B 117 11.54 -25.22 54.69
C THR B 117 10.08 -25.27 54.44
N THR B 118 9.55 -24.21 53.86
CA THR B 118 8.14 -24.15 53.55
C THR B 118 8.02 -23.87 52.06
N ILE B 119 7.31 -24.73 51.35
CA ILE B 119 7.22 -24.60 49.90
C ILE B 119 5.78 -24.33 49.46
N PHE B 120 5.62 -23.31 48.66
CA PHE B 120 4.32 -22.93 48.13
C PHE B 120 4.16 -23.35 46.69
N ASN B 121 3.16 -24.18 46.40
CA ASN B 121 2.98 -24.67 45.02
C ASN B 121 2.28 -23.69 44.11
N ASN B 122 2.44 -23.92 42.80
CA ASN B 122 1.91 -23.08 41.76
C ASN B 122 2.31 -21.62 41.96
N GLU B 123 3.61 -21.44 42.16
CA GLU B 123 4.25 -20.16 42.30
C GLU B 123 5.49 -20.15 41.37
N PRO B 124 5.85 -18.99 40.81
CA PRO B 124 6.91 -18.92 39.81
C PRO B 124 8.31 -18.83 40.40
N GLY B 125 8.82 -19.99 40.80
CA GLY B 125 10.17 -20.08 41.39
C GLY B 125 11.21 -20.30 40.34
N TYR B 126 12.46 -20.31 40.79
CA TYR B 126 13.61 -20.45 39.92
C TYR B 126 13.58 -21.82 39.29
N ARG B 127 13.41 -21.89 37.98
CA ARG B 127 13.34 -23.17 37.29
C ARG B 127 12.38 -24.09 38.00
N SER B 128 11.25 -23.55 38.41
CA SER B 128 10.37 -24.36 39.19
C SER B 128 8.98 -23.77 39.21
N THR B 129 8.00 -24.62 39.50
CA THR B 129 6.63 -24.17 39.68
C THR B 129 6.23 -24.06 41.12
N SER B 130 7.23 -24.07 41.99
CA SER B 130 7.04 -23.71 43.38
C SER B 130 8.07 -22.71 43.85
N ILE B 131 7.73 -22.04 44.94
CA ILE B 131 8.64 -21.14 45.60
C ILE B 131 8.92 -21.68 46.95
N THR B 132 10.20 -21.76 47.27
CA THR B 132 10.67 -22.36 48.47
C THR B 132 11.13 -21.31 49.45
N CYS B 133 10.59 -21.32 50.64
CA CYS B 133 10.96 -20.35 51.65
C CYS B 133 11.76 -21.05 52.71
N SER B 134 13.07 -20.92 52.67
CA SER B 134 13.88 -21.72 53.56
C SER B 134 15.06 -21.00 54.04
N LEU B 135 14.97 -19.68 54.10
CA LEU B 135 16.03 -18.89 54.61
C LEU B 135 15.96 -18.96 56.14
N ASN B 136 16.94 -19.58 56.78
CA ASN B 136 16.96 -19.65 58.21
C ASN B 136 17.84 -18.60 58.85
N ARG B 137 17.62 -18.41 60.15
CA ARG B 137 18.44 -17.57 61.02
C ARG B 137 18.27 -16.09 60.87
N TYR B 138 18.17 -15.62 59.66
CA TYR B 138 17.90 -14.24 59.37
C TYR B 138 16.52 -13.86 59.83
N LYS B 139 16.44 -12.70 60.44
CA LYS B 139 15.20 -12.24 60.95
C LYS B 139 14.23 -11.77 59.85
N PRO B 140 12.97 -12.26 59.84
CA PRO B 140 12.09 -11.76 58.76
C PRO B 140 11.69 -10.36 59.00
N GLY B 141 11.40 -9.63 57.94
CA GLY B 141 11.12 -8.21 58.06
C GLY B 141 11.61 -7.41 56.88
N TYR B 142 11.55 -6.11 57.09
CA TYR B 142 11.86 -5.11 56.09
C TYR B 142 13.31 -5.32 55.58
N TYR B 143 13.55 -5.42 54.29
CA TYR B 143 14.92 -5.67 53.83
C TYR B 143 15.48 -6.98 54.37
N GLY B 144 14.62 -7.92 54.69
CA GLY B 144 15.05 -9.27 55.06
C GLY B 144 14.11 -10.24 54.40
N PRO B 145 14.13 -11.49 54.81
CA PRO B 145 13.15 -12.40 54.20
C PRO B 145 11.73 -12.00 54.53
N MET B 146 10.82 -12.29 53.59
CA MET B 146 9.42 -12.18 53.85
C MET B 146 8.96 -13.28 54.83
N SER B 147 8.17 -12.88 55.84
CA SER B 147 7.64 -13.88 56.77
C SER B 147 6.65 -14.76 56.04
N ILE B 148 6.50 -15.96 56.56
CA ILE B 148 5.54 -16.86 56.06
C ILE B 148 4.16 -16.30 56.15
N GLU B 149 3.87 -15.59 57.20
CA GLU B 149 2.59 -14.96 57.31
C GLU B 149 2.28 -14.02 56.12
N ASN B 150 3.23 -13.18 55.74
CA ASN B 150 3.03 -12.34 54.58
C ASN B 150 2.98 -13.10 53.31
N PHE B 151 3.82 -14.10 53.20
CA PHE B 151 3.84 -14.85 51.98
C PHE B 151 2.49 -15.55 51.78
N LYS B 152 1.90 -16.06 52.86
CA LYS B 152 0.60 -16.68 52.77
C LYS B 152 -0.48 -15.75 52.25
N LYS B 153 -0.47 -14.50 52.71
CA LYS B 153 -1.42 -13.52 52.23
C LYS B 153 -1.19 -13.26 50.76
N LEU B 154 0.07 -13.06 50.42
CA LEU B 154 0.44 -12.84 49.05
C LEU B 154 -0.01 -14.01 48.14
N ASN B 155 0.33 -15.20 48.59
CA ASN B 155 0.07 -16.36 47.81
C ASN B 155 -1.40 -16.55 47.56
N GLU B 156 -2.20 -16.40 48.59
CA GLU B 156 -3.63 -16.61 48.40
C GLU B 156 -4.19 -15.65 47.30
N ALA B 157 -3.81 -14.40 47.35
CA ALA B 157 -4.28 -13.42 46.38
C ALA B 157 -3.82 -13.84 44.97
N TYR B 158 -2.58 -14.31 44.88
CA TYR B 158 -2.00 -14.72 43.63
C TYR B 158 -2.72 -15.92 43.08
N GLN B 159 -3.08 -16.88 43.92
CA GLN B 159 -3.77 -18.09 43.41
C GLN B 159 -5.15 -17.72 42.91
N ILE B 160 -5.79 -16.81 43.60
CA ILE B 160 -7.12 -16.42 43.23
C ILE B 160 -7.05 -15.68 41.90
N LEU B 161 -6.14 -14.74 41.81
CA LEU B 161 -6.00 -14.00 40.58
C LEU B 161 -5.67 -14.90 39.42
N GLN B 162 -4.75 -15.85 39.60
CA GLN B 162 -4.40 -16.73 38.50
C GLN B 162 -5.55 -17.64 38.10
N THR B 163 -6.35 -18.03 39.05
CA THR B 163 -7.44 -18.89 38.68
C THR B 163 -8.46 -18.10 37.86
N ALA B 164 -8.74 -16.88 38.29
CA ALA B 164 -9.75 -16.07 37.60
C ALA B 164 -9.28 -15.66 36.21
N LEU B 165 -7.99 -15.31 36.08
CA LEU B 165 -7.45 -14.99 34.78
C LEU B 165 -7.53 -16.17 33.88
N ASN B 166 -7.23 -17.33 34.42
CA ASN B 166 -7.30 -18.52 33.62
C ASN B 166 -8.72 -18.81 33.13
N LYS B 167 -9.71 -18.54 33.95
CA LYS B 167 -11.06 -18.82 33.53
C LYS B 167 -11.62 -17.68 32.62
N GLY B 168 -11.06 -16.49 32.72
CA GLY B 168 -11.53 -15.34 31.97
C GLY B 168 -12.35 -14.46 32.90
N LEU B 169 -12.00 -13.21 33.00
CA LEU B 169 -12.78 -12.26 33.77
C LEU B 169 -14.09 -11.94 33.13
N PRO B 170 -15.12 -11.77 33.95
CA PRO B 170 -16.44 -11.43 33.41
C PRO B 170 -16.55 -9.96 33.04
N ALA B 171 -17.54 -9.63 32.23
CA ALA B 171 -17.88 -8.22 31.95
C ALA B 171 -18.19 -7.50 33.23
N LEU B 172 -17.97 -6.20 33.23
CA LEU B 172 -18.12 -5.38 34.40
C LEU B 172 -19.48 -5.43 35.04
N LYS B 173 -20.51 -5.73 34.27
CA LYS B 173 -21.81 -5.70 34.87
C LYS B 173 -22.06 -6.99 35.60
N GLU B 174 -21.36 -8.08 35.27
CA GLU B 174 -21.55 -9.35 35.99
C GLU B 174 -20.91 -9.25 37.38
N ASN B 175 -21.69 -8.95 38.38
CA ASN B 175 -21.20 -8.76 39.74
C ASN B 175 -21.37 -9.92 40.69
N ASN B 176 -21.91 -11.05 40.28
CA ASN B 176 -21.93 -12.14 41.24
C ASN B 176 -21.61 -13.52 40.71
N GLY B 177 -20.63 -13.54 39.83
CA GLY B 177 -19.91 -14.76 39.55
C GLY B 177 -18.93 -15.08 40.68
N THR B 178 -18.59 -16.34 40.75
CA THR B 178 -17.69 -16.83 41.75
C THR B 178 -16.77 -17.80 41.08
N VAL B 179 -15.63 -18.01 41.70
CA VAL B 179 -14.71 -19.02 41.24
C VAL B 179 -14.32 -19.89 42.44
N SER B 180 -13.93 -21.12 42.10
CA SER B 180 -13.39 -22.06 43.05
C SER B 180 -11.85 -22.11 42.93
N VAL B 181 -11.12 -22.16 44.05
CA VAL B 181 -9.64 -22.04 44.03
C VAL B 181 -9.03 -23.05 44.98
N THR B 182 -8.02 -23.78 44.54
CA THR B 182 -7.35 -24.76 45.36
C THR B 182 -5.85 -24.50 45.31
N TYR B 183 -5.15 -24.61 46.43
CA TYR B 183 -3.70 -24.43 46.43
C TYR B 183 -3.11 -25.19 47.60
N THR B 184 -1.82 -25.46 47.54
CA THR B 184 -1.20 -26.31 48.50
C THR B 184 0.15 -25.74 48.86
N TYR B 185 0.64 -26.07 50.05
CA TYR B 185 2.02 -25.78 50.44
C TYR B 185 2.46 -26.83 51.41
N THR B 186 3.76 -26.97 51.58
CA THR B 186 4.32 -28.02 52.41
C THR B 186 5.32 -27.45 53.39
N CYS B 187 5.48 -28.14 54.52
CA CYS B 187 6.45 -27.82 55.59
C CYS B 187 7.29 -29.00 55.91
N SER B 188 8.60 -28.81 55.93
CA SER B 188 9.53 -29.78 56.47
C SER B 188 10.56 -29.08 57.30
N GLY B 189 11.34 -29.90 57.98
CA GLY B 189 12.40 -29.42 58.81
C GLY B 189 12.00 -29.42 60.26
N GLU B 190 12.98 -29.73 61.08
CA GLU B 190 12.85 -29.75 62.51
C GLU B 190 12.42 -28.39 63.02
N GLY B 191 11.36 -28.34 63.82
CA GLY B 191 10.87 -27.07 64.36
C GLY B 191 9.92 -26.30 63.46
N ASN B 192 9.63 -26.77 62.26
CA ASN B 192 8.79 -25.97 61.35
C ASN B 192 7.35 -26.02 61.84
N ASP B 193 6.83 -24.87 62.24
CA ASP B 193 5.46 -24.80 62.77
C ASP B 193 4.49 -24.09 61.81
N ASN B 194 4.92 -23.82 60.57
CA ASN B 194 4.04 -23.16 59.62
C ASN B 194 2.86 -24.00 59.10
N CYS B 195 2.85 -25.28 59.44
CA CYS B 195 1.75 -26.17 59.10
C CYS B 195 1.06 -26.69 60.35
N SER B 196 1.28 -26.06 61.49
CA SER B 196 0.69 -26.52 62.75
C SER B 196 -0.79 -26.08 62.94
N LYS B 197 -1.39 -26.61 64.01
CA LYS B 197 -2.70 -26.28 64.46
C LYS B 197 -2.99 -24.80 64.56
N LYS B 198 -2.13 -24.05 65.27
CA LYS B 198 -2.42 -22.60 65.40
C LYS B 198 -2.24 -21.92 64.10
N ALA B 199 -1.29 -22.35 63.28
CA ALA B 199 -1.14 -21.70 62.00
C ALA B 199 -2.36 -21.94 61.10
N THR B 200 -3.06 -23.07 61.23
CA THR B 200 -4.06 -23.48 60.24
C THR B 200 -5.52 -23.69 60.69
N GLY B 201 -5.77 -23.93 61.97
CA GLY B 201 -7.10 -24.33 62.43
C GLY B 201 -7.39 -25.84 62.48
N VAL B 202 -6.51 -26.67 61.91
CA VAL B 202 -6.79 -28.12 61.73
C VAL B 202 -6.31 -29.00 62.89
N SER B 203 -7.21 -29.85 63.40
CA SER B 203 -6.93 -30.64 64.59
C SER B 203 -5.85 -31.72 64.42
N ASP B 204 -6.08 -32.73 63.60
CA ASP B 204 -5.06 -33.78 63.41
C ASP B 204 -4.21 -33.39 62.20
N GLN B 205 -2.91 -33.37 62.41
CA GLN B 205 -1.97 -32.98 61.39
C GLN B 205 -1.97 -34.02 60.27
N ASN B 206 -2.20 -35.28 60.63
CA ASN B 206 -2.40 -36.28 59.61
C ASN B 206 -3.85 -36.63 59.38
N GLY B 207 -4.38 -36.17 58.25
CA GLY B 207 -5.71 -36.55 57.77
C GLY B 207 -6.83 -35.59 58.13
N GLY B 208 -6.53 -34.56 58.93
CA GLY B 208 -7.55 -33.68 59.50
C GLY B 208 -8.07 -32.70 58.50
N THR B 209 -9.23 -32.17 58.79
CA THR B 209 -9.88 -31.24 57.90
C THR B 209 -10.68 -30.21 58.70
N LYS B 210 -10.77 -29.00 58.21
CA LYS B 210 -11.57 -28.00 58.88
C LYS B 210 -12.19 -27.09 57.85
N THR B 211 -13.39 -26.62 58.16
CA THR B 211 -14.16 -25.76 57.29
C THR B 211 -14.54 -24.50 58.00
N LYS B 212 -14.49 -23.39 57.29
CA LYS B 212 -14.94 -22.17 57.88
C LYS B 212 -15.58 -21.37 56.78
N THR B 213 -16.53 -20.51 57.14
CA THR B 213 -17.20 -19.64 56.17
C THR B 213 -16.82 -18.25 56.51
N GLN B 214 -16.99 -17.37 55.55
CA GLN B 214 -16.52 -16.04 55.68
C GLN B 214 -17.49 -15.26 54.83
N THR B 215 -18.40 -14.63 55.54
CA THR B 215 -19.39 -13.81 54.91
C THR B 215 -18.74 -12.49 54.51
N ILE B 216 -17.78 -12.54 53.57
CA ILE B 216 -17.10 -11.33 53.04
C ILE B 216 -18.16 -10.38 52.43
N ASP B 217 -17.72 -9.36 51.67
CA ASP B 217 -18.62 -8.40 50.99
C ASP B 217 -20.12 -8.75 51.01
N GLY B 218 -20.65 -9.28 49.91
CA GLY B 218 -22.09 -9.52 49.84
C GLY B 218 -22.47 -10.92 50.30
N LYS B 219 -21.50 -11.85 50.25
CA LYS B 219 -21.81 -13.29 50.20
C LYS B 219 -20.76 -14.28 50.75
N THR B 220 -21.23 -15.51 50.86
CA THR B 220 -20.52 -16.52 51.62
C THR B 220 -19.40 -17.28 50.91
N VAL B 221 -18.16 -17.13 51.39
CA VAL B 221 -17.04 -17.90 50.87
C VAL B 221 -16.72 -19.03 51.79
N THR B 222 -16.70 -20.25 51.31
CA THR B 222 -16.35 -21.40 52.16
C THR B 222 -14.92 -21.86 51.98
N THR B 223 -14.24 -22.18 53.07
CA THR B 223 -12.84 -22.60 53.02
C THR B 223 -12.67 -23.92 53.74
N THR B 224 -12.00 -24.86 53.08
CA THR B 224 -11.78 -26.20 53.61
C THR B 224 -10.28 -26.38 53.62
N ILE B 225 -9.72 -26.67 54.77
CA ILE B 225 -8.28 -26.78 54.90
C ILE B 225 -8.04 -28.20 55.32
N SER B 226 -7.14 -28.89 54.66
CA SER B 226 -6.87 -30.27 55.05
C SER B 226 -5.40 -30.49 55.12
N SER B 227 -5.01 -31.44 55.95
CA SER B 227 -3.64 -31.63 56.28
C SER B 227 -3.34 -33.11 56.19
N LYS B 228 -2.13 -33.40 55.72
CA LYS B 228 -1.70 -34.74 55.49
C LYS B 228 -0.19 -34.76 55.77
N VAL B 229 0.27 -35.82 56.43
CA VAL B 229 1.68 -36.04 56.69
C VAL B 229 2.20 -37.11 55.74
N VAL B 230 3.36 -36.88 55.16
CA VAL B 230 4.02 -37.85 54.32
C VAL B 230 5.40 -38.10 54.94
N ASP B 231 5.63 -39.34 55.33
CA ASP B 231 6.86 -39.76 55.97
C ASP B 231 8.02 -39.77 54.96
N SER B 232 9.25 -39.60 55.45
CA SER B 232 10.44 -39.61 54.59
C SER B 232 10.55 -40.85 53.68
N GLN B 233 10.17 -42.02 54.19
CA GLN B 233 10.20 -43.26 53.38
C GLN B 233 8.89 -43.70 52.87
N ALA B 234 7.92 -42.81 52.71
CA ALA B 234 6.82 -43.14 51.83
C ALA B 234 7.47 -43.16 50.46
N LYS B 235 6.86 -43.92 49.57
CA LYS B 235 7.20 -43.85 48.18
C LYS B 235 6.24 -42.92 47.46
N GLY B 236 6.80 -42.16 46.52
CA GLY B 236 6.17 -40.96 46.01
C GLY B 236 7.13 -39.84 46.40
N ASN B 237 7.83 -40.02 47.51
CA ASN B 237 8.64 -38.96 48.09
C ASN B 237 10.10 -38.85 47.57
N THR B 238 10.27 -38.24 46.41
CA THR B 238 11.56 -37.68 45.97
C THR B 238 12.29 -37.11 47.16
N THR B 239 11.78 -35.99 47.68
CA THR B 239 12.48 -35.17 48.67
C THR B 239 13.19 -35.92 49.81
N ARG B 240 12.81 -37.17 50.06
CA ARG B 240 13.53 -38.03 51.01
C ARG B 240 13.31 -37.62 52.45
N VAL B 241 12.74 -36.44 52.70
CA VAL B 241 12.44 -36.00 54.06
C VAL B 241 10.93 -35.98 54.38
N SER B 242 10.58 -36.05 55.66
CA SER B 242 9.17 -36.01 56.09
C SER B 242 8.55 -34.62 55.98
N TYR B 243 7.30 -34.55 55.53
CA TYR B 243 6.67 -33.29 55.43
C TYR B 243 5.19 -33.30 55.65
N THR B 244 4.68 -32.12 55.91
CA THR B 244 3.27 -31.91 56.09
C THR B 244 2.73 -31.11 54.91
N GLU B 245 1.61 -31.54 54.34
CA GLU B 245 1.02 -30.84 53.25
C GLU B 245 -0.34 -30.26 53.62
N ILE B 246 -0.54 -28.99 53.28
CA ILE B 246 -1.77 -28.29 53.58
C ILE B 246 -2.43 -27.94 52.28
N THR B 247 -3.70 -28.29 52.17
CA THR B 247 -4.51 -27.96 51.04
C THR B 247 -5.56 -26.99 51.49
N ASN B 248 -5.76 -25.98 50.71
CA ASN B 248 -6.82 -25.03 50.91
C ASN B 248 -7.72 -25.03 49.70
N LYS B 249 -9.01 -25.15 49.95
CA LYS B 249 -9.97 -25.14 48.89
C LYS B 249 -11.00 -24.07 49.21
N LEU B 250 -11.05 -23.04 48.41
CA LEU B 250 -12.02 -21.96 48.59
C LEU B 250 -13.12 -22.07 47.54
N ASP B 251 -14.37 -22.11 47.98
CA ASP B 251 -15.54 -22.12 47.08
C ASP B 251 -16.33 -20.84 47.22
N GLY B 252 -16.85 -20.33 46.10
CA GLY B 252 -17.68 -19.13 46.13
C GLY B 252 -16.83 -17.88 46.20
N VAL B 253 -15.56 -17.94 45.82
CA VAL B 253 -14.79 -16.71 45.82
C VAL B 253 -15.36 -15.79 44.75
N PRO B 254 -15.71 -14.55 45.10
CA PRO B 254 -16.21 -13.63 44.09
C PRO B 254 -15.15 -13.29 43.01
N ASP B 255 -15.53 -13.38 41.74
CA ASP B 255 -14.63 -12.98 40.65
C ASP B 255 -15.04 -11.66 39.96
N SER B 256 -15.87 -10.85 40.60
CA SER B 256 -16.22 -9.59 40.01
C SER B 256 -14.98 -8.68 39.88
N ALA B 257 -15.07 -7.70 39.02
CA ALA B 257 -14.00 -6.77 38.84
C ALA B 257 -13.52 -6.05 40.13
N GLN B 258 -14.49 -5.59 40.90
N GLN B 258 -14.42 -5.45 40.94
CA GLN B 258 -14.32 -4.95 42.19
CA GLN B 258 -13.97 -4.82 42.21
C GLN B 258 -13.49 -5.86 43.09
C GLN B 258 -13.31 -5.91 43.06
N ALA B 259 -13.93 -7.10 43.18
CA ALA B 259 -13.32 -8.11 44.03
C ALA B 259 -11.91 -8.54 43.57
N LEU B 260 -11.66 -8.64 42.26
CA LEU B 260 -10.35 -9.02 41.78
C LEU B 260 -9.36 -7.90 41.90
N LEU B 261 -9.84 -6.67 41.75
CA LEU B 261 -8.99 -5.57 41.96
C LEU B 261 -8.57 -5.48 43.41
N ALA B 262 -9.47 -5.82 44.33
CA ALA B 262 -9.10 -5.82 45.73
C ALA B 262 -7.99 -6.89 45.98
N GLN B 263 -8.06 -8.03 45.32
CA GLN B 263 -7.00 -9.04 45.44
C GLN B 263 -5.69 -8.57 44.85
N ALA B 264 -5.74 -7.90 43.70
CA ALA B 264 -4.50 -7.38 43.13
C ALA B 264 -3.91 -6.31 44.03
N SER B 265 -4.76 -5.53 44.65
CA SER B 265 -4.26 -4.52 45.61
C SER B 265 -3.57 -5.20 46.80
N THR B 266 -4.18 -6.24 47.35
CA THR B 266 -3.54 -6.99 48.45
C THR B 266 -2.17 -7.50 48.02
N LEU B 267 -2.12 -8.03 46.81
CA LEU B 267 -0.87 -8.61 46.28
C LEU B 267 0.23 -7.61 46.23
N ILE B 268 -0.05 -6.51 45.58
CA ILE B 268 0.94 -5.50 45.48
C ILE B 268 1.23 -4.79 46.78
N ASN B 269 0.23 -4.55 47.61
CA ASN B 269 0.55 -3.86 48.88
C ASN B 269 1.30 -4.73 49.90
N THR B 270 1.06 -6.02 49.88
CA THR B 270 1.78 -6.88 50.75
C THR B 270 3.27 -6.83 50.40
N ILE B 271 3.56 -6.89 49.11
CA ILE B 271 4.94 -6.81 48.64
C ILE B 271 5.56 -5.50 49.07
N ASN B 272 4.88 -4.44 48.80
CA ASN B 272 5.40 -3.15 49.18
C ASN B 272 5.56 -2.86 50.70
N THR B 273 4.64 -3.36 51.53
CA THR B 273 4.74 -3.20 53.00
C THR B 273 5.78 -4.17 53.60
N ALA B 274 5.76 -5.43 53.18
CA ALA B 274 6.73 -6.37 53.72
C ALA B 274 8.15 -5.94 53.28
N CYS B 275 8.28 -5.49 52.02
CA CYS B 275 9.51 -4.96 51.49
C CYS B 275 10.74 -5.88 51.72
N PRO B 276 10.69 -7.08 51.24
CA PRO B 276 11.75 -8.01 51.54
C PRO B 276 12.96 -7.85 50.68
N TYR B 277 14.06 -8.46 51.13
CA TYR B 277 15.27 -8.55 50.35
C TYR B 277 15.03 -9.41 49.13
N PHE B 278 15.59 -9.01 47.99
CA PHE B 278 15.64 -9.85 46.82
C PHE B 278 17.05 -9.91 46.26
N SER B 279 17.37 -10.99 45.54
CA SER B 279 18.52 -10.93 44.62
C SER B 279 18.29 -11.81 43.42
N VAL B 280 18.58 -11.25 42.25
CA VAL B 280 18.21 -11.82 40.99
C VAL B 280 19.34 -12.56 40.34
N THR B 281 18.95 -13.54 39.52
CA THR B 281 19.84 -14.21 38.60
C THR B 281 19.65 -13.56 37.24
N ASN B 282 20.62 -12.81 36.79
CA ASN B 282 20.57 -12.34 35.41
C ASN B 282 21.05 -13.43 34.43
N LYS B 283 20.23 -13.75 33.44
CA LYS B 283 20.65 -14.63 32.32
C LYS B 283 21.59 -13.92 31.34
N SER B 284 22.75 -14.51 31.14
CA SER B 284 23.72 -14.02 30.20
C SER B 284 23.39 -14.69 28.85
N GLY B 285 22.78 -14.02 27.86
CA GLY B 285 22.91 -12.59 27.57
C GLY B 285 21.63 -11.80 27.46
N GLY B 286 20.48 -12.48 27.48
CA GLY B 286 19.19 -11.93 27.94
C GLY B 286 18.96 -10.41 28.04
N PRO B 287 18.04 -10.00 28.92
CA PRO B 287 17.87 -8.62 29.40
C PRO B 287 18.30 -8.52 30.86
N GLN B 288 18.78 -7.34 31.26
CA GLN B 288 19.53 -7.21 32.54
C GLN B 288 18.76 -6.46 33.61
N MET B 289 18.65 -7.07 34.78
CA MET B 289 17.89 -6.48 35.87
C MET B 289 18.85 -5.67 36.77
N GLU B 290 18.68 -4.36 36.80
CA GLU B 290 19.33 -3.59 37.85
C GLU B 290 18.26 -3.02 38.84
N PRO B 291 18.65 -2.86 40.10
CA PRO B 291 19.88 -3.45 40.70
C PRO B 291 19.72 -4.97 40.83
N THR B 292 20.76 -5.68 41.18
CA THR B 292 20.63 -7.14 41.27
C THR B 292 20.27 -7.62 42.68
N ARG B 293 20.49 -6.80 43.67
CA ARG B 293 19.95 -7.13 44.95
C ARG B 293 19.44 -5.88 45.61
N GLY B 294 18.63 -6.05 46.63
CA GLY B 294 18.12 -4.89 47.37
C GLY B 294 16.81 -5.25 48.02
N LYS B 295 15.98 -4.25 48.19
CA LYS B 295 14.70 -4.47 48.80
C LYS B 295 13.61 -4.27 47.74
N LEU B 296 12.54 -5.02 47.85
CA LEU B 296 11.55 -5.01 46.79
C LEU B 296 10.82 -3.68 46.63
N CYS B 297 10.65 -2.94 47.71
CA CYS B 297 9.91 -1.70 47.63
C CYS B 297 10.79 -0.62 47.01
N GLY B 298 12.07 -0.93 46.77
CA GLY B 298 12.97 -0.09 45.97
C GLY B 298 12.58 0.04 44.49
N PHE B 299 11.71 -0.80 43.97
CA PHE B 299 11.11 -0.57 42.64
C PHE B 299 9.95 0.40 42.74
N THR B 300 10.26 1.65 43.05
CA THR B 300 9.24 2.58 43.50
C THR B 300 8.36 3.05 42.38
N GLU B 301 8.94 3.34 41.22
CA GLU B 301 8.12 3.78 40.10
C GLU B 301 7.21 2.67 39.65
N GLU B 302 7.69 1.44 39.66
CA GLU B 302 6.88 0.30 39.21
C GLU B 302 5.72 0.02 40.15
N ILE B 303 6.02 -0.09 41.42
CA ILE B 303 4.99 -0.27 42.42
C ILE B 303 3.99 0.88 42.44
N SER B 304 4.43 2.14 42.38
CA SER B 304 3.48 3.25 42.32
C SER B 304 2.57 3.16 41.15
N ALA B 305 3.16 2.82 40.01
CA ALA B 305 2.45 2.81 38.79
C ALA B 305 1.36 1.75 38.85
N ILE B 306 1.70 0.58 39.37
CA ILE B 306 0.72 -0.44 39.53
C ILE B 306 -0.37 -0.06 40.53
N GLN B 307 0.02 0.54 41.64
CA GLN B 307 -0.98 1.00 42.58
C GLN B 307 -1.91 2.02 41.97
N LYS B 308 -1.37 2.87 41.13
CA LYS B 308 -2.20 3.90 40.52
C LYS B 308 -3.14 3.28 39.49
N MET B 309 -2.65 2.30 38.77
CA MET B 309 -3.53 1.59 37.85
C MET B 309 -4.70 0.95 38.54
N ILE B 310 -4.44 0.31 39.66
CA ILE B 310 -5.48 -0.36 40.37
C ILE B 310 -6.45 0.67 40.95
N THR B 311 -5.93 1.74 41.52
CA THR B 311 -6.75 2.82 42.01
C THR B 311 -7.66 3.38 40.96
N ASP B 312 -7.11 3.66 39.78
CA ASP B 312 -7.94 4.17 38.68
C ASP B 312 -8.97 3.15 38.16
N ALA B 313 -8.58 1.89 38.10
CA ALA B 313 -9.55 0.92 37.71
C ALA B 313 -10.65 0.76 38.73
N GLN B 314 -10.33 0.87 39.99
CA GLN B 314 -11.40 0.78 41.01
C GLN B 314 -12.37 1.97 40.84
N GLU B 315 -11.84 3.16 40.61
CA GLU B 315 -12.69 4.31 40.33
C GLU B 315 -13.55 4.09 39.06
N LEU B 316 -12.95 3.48 38.07
CA LEU B 316 -13.65 3.19 36.85
C LEU B 316 -14.83 2.23 37.06
N VAL B 317 -14.56 1.16 37.76
CA VAL B 317 -15.58 0.19 38.05
C VAL B 317 -16.68 0.77 38.90
N ASN B 318 -16.36 1.72 39.77
CA ASN B 318 -17.39 2.44 40.50
C ASN B 318 -18.39 3.25 39.67
N GLN B 319 -18.04 3.69 38.47
CA GLN B 319 -19.01 4.36 37.60
C GLN B 319 -20.15 3.43 37.13
N THR B 320 -19.97 2.12 37.28
CA THR B 320 -20.95 1.15 36.87
C THR B 320 -22.28 1.40 37.58
N SER B 321 -22.26 1.66 38.88
CA SER B 321 -23.54 1.79 39.56
C SER B 321 -24.21 3.14 39.23
N VAL B 322 -23.41 4.16 38.94
CA VAL B 322 -23.96 5.43 38.48
C VAL B 322 -24.71 5.22 37.13
N ILE B 323 -24.11 4.47 36.23
CA ILE B 323 -24.83 4.11 34.99
C ILE B 323 -26.09 3.29 35.21
N ASN B 324 -25.99 2.26 36.03
CA ASN B 324 -27.17 1.48 36.35
C ASN B 324 -28.28 2.23 36.95
N GLU B 325 -28.01 3.10 37.91
CA GLU B 325 -29.14 3.79 38.60
C GLU B 325 -29.72 4.94 37.73
N HIS B 326 -29.11 5.29 36.59
CA HIS B 326 -29.71 6.29 35.73
C HIS B 326 -29.92 5.77 34.31
N GLU B 327 -30.72 4.73 34.17
CA GLU B 327 -31.11 4.17 32.88
C GLU B 327 -31.85 5.19 32.04
N GLN B 328 -31.62 5.14 30.74
CA GLN B 328 -32.08 6.13 29.81
C GLN B 328 -33.03 5.53 28.82
N SER B 329 -33.72 4.50 29.17
CA SER B 329 -34.51 3.78 28.19
C SER B 329 -35.98 4.25 28.10
N THR B 330 -36.47 5.03 29.05
CA THR B 330 -37.83 5.56 28.92
C THR B 330 -37.87 6.78 28.01
N PRO B 331 -38.75 6.79 27.00
CA PRO B 331 -38.78 7.96 26.13
C PRO B 331 -39.31 9.17 26.89
N VAL B 332 -38.85 10.35 26.50
CA VAL B 332 -39.25 11.60 27.11
C VAL B 332 -39.94 12.42 26.06
N GLY B 333 -40.77 13.36 26.52
CA GLY B 333 -41.54 14.27 25.63
C GLY B 333 -42.30 15.29 26.49
N GLY B 334 -43.31 15.92 25.94
CA GLY B 334 -44.11 16.83 26.77
C GLY B 334 -45.04 16.25 27.85
N ASN B 335 -45.91 17.09 28.39
CA ASN B 335 -46.93 16.57 29.26
C ASN B 335 -48.27 17.22 28.92
N ASN B 336 -49.36 16.62 29.42
CA ASN B 336 -50.74 16.94 28.98
C ASN B 336 -50.90 17.11 27.48
N GLY B 337 -50.23 16.26 26.70
CA GLY B 337 -50.22 16.35 25.23
C GLY B 337 -49.72 17.64 24.61
N LYS B 338 -48.97 18.43 25.38
CA LYS B 338 -48.53 19.77 24.91
C LYS B 338 -47.15 19.59 24.36
N PRO B 339 -46.72 20.49 23.47
CA PRO B 339 -45.31 20.43 23.00
C PRO B 339 -44.29 20.43 24.17
N PHE B 340 -43.16 19.87 23.87
CA PHE B 340 -42.10 19.70 24.83
C PHE B 340 -41.58 21.07 25.19
N ASN B 341 -41.42 21.33 26.47
CA ASN B 341 -40.93 22.59 26.97
C ASN B 341 -39.62 22.34 27.69
N PRO B 342 -38.51 22.72 27.05
CA PRO B 342 -37.16 22.51 27.57
C PRO B 342 -36.92 23.17 28.87
N PHE B 343 -37.72 24.17 29.19
CA PHE B 343 -37.59 24.84 30.46
C PHE B 343 -38.31 24.14 31.60
N THR B 344 -39.37 23.39 31.31
CA THR B 344 -40.18 22.77 32.42
C THR B 344 -40.24 21.23 32.40
N ASP B 345 -40.08 20.61 31.24
CA ASP B 345 -40.32 19.21 31.11
C ASP B 345 -39.07 18.42 31.16
N ALA B 346 -37.99 18.94 31.75
CA ALA B 346 -36.79 18.24 31.59
C ALA B 346 -36.12 17.81 32.88
N SER B 347 -36.89 17.28 33.80
CA SER B 347 -36.34 16.74 35.04
C SER B 347 -35.54 15.47 34.83
N PHE B 348 -35.72 14.80 33.70
CA PHE B 348 -34.83 13.69 33.36
C PHE B 348 -33.36 14.10 33.11
N ALA B 349 -33.11 15.36 32.80
CA ALA B 349 -31.81 15.78 32.27
C ALA B 349 -30.67 15.55 33.27
N GLN B 350 -30.95 15.75 34.53
CA GLN B 350 -29.99 15.52 35.59
C GLN B 350 -29.40 14.11 35.56
N GLY B 351 -30.27 13.10 35.45
CA GLY B 351 -29.88 11.70 35.38
C GLY B 351 -29.20 11.38 34.06
N MET B 352 -29.60 12.02 32.97
CA MET B 352 -28.95 11.79 31.72
C MET B 352 -27.54 12.33 31.77
N LEU B 353 -27.37 13.46 32.39
CA LEU B 353 -26.06 14.09 32.52
C LEU B 353 -25.15 13.26 33.41
N ALA B 354 -25.69 12.76 34.52
CA ALA B 354 -24.91 11.88 35.35
C ALA B 354 -24.55 10.59 34.61
N ASN B 355 -25.46 10.02 33.82
CA ASN B 355 -25.11 8.81 33.08
C ASN B 355 -24.00 9.09 32.04
N ALA B 356 -24.19 10.13 31.26
CA ALA B 356 -23.20 10.48 30.25
C ALA B 356 -21.86 10.81 30.84
N SER B 357 -21.83 11.62 31.87
CA SER B 357 -20.60 11.91 32.58
C SER B 357 -19.92 10.70 33.17
N ALA B 358 -20.70 9.79 33.67
CA ALA B 358 -20.09 8.59 34.19
C ALA B 358 -19.43 7.74 33.05
N GLN B 359 -20.08 7.62 31.90
CA GLN B 359 -19.51 6.85 30.82
C GLN B 359 -18.20 7.51 30.33
N ALA B 360 -18.16 8.84 30.27
CA ALA B 360 -16.96 9.58 29.77
C ALA B 360 -15.86 9.38 30.77
N LYS B 361 -16.20 9.39 32.05
CA LYS B 361 -15.24 9.17 33.08
C LYS B 361 -14.62 7.76 32.95
N MET B 362 -15.43 6.73 32.67
CA MET B 362 -14.91 5.41 32.53
C MET B 362 -13.92 5.37 31.39
N LEU B 363 -14.26 6.05 30.31
CA LEU B 363 -13.43 6.01 29.15
C LEU B 363 -12.12 6.72 29.44
N ASN B 364 -12.17 7.86 30.08
CA ASN B 364 -10.94 8.54 30.39
C ASN B 364 -10.05 7.83 31.37
N LEU B 365 -10.63 7.16 32.37
CA LEU B 365 -9.85 6.39 33.33
C LEU B 365 -9.27 5.13 32.67
N ALA B 366 -10.00 4.53 31.77
CA ALA B 366 -9.47 3.41 31.05
C ALA B 366 -8.24 3.80 30.26
N HIS B 367 -8.33 4.94 29.62
CA HIS B 367 -7.20 5.47 28.89
C HIS B 367 -6.04 5.72 29.83
N GLN B 368 -6.34 6.25 30.99
CA GLN B 368 -5.27 6.67 31.90
C GLN B 368 -4.51 5.42 32.49
N VAL B 369 -5.21 4.32 32.65
CA VAL B 369 -4.60 3.08 33.05
C VAL B 369 -3.57 2.64 32.01
N GLY B 370 -3.97 2.69 30.77
CA GLY B 370 -3.06 2.34 29.69
C GLY B 370 -1.83 3.23 29.67
N GLN B 371 -1.99 4.53 29.84
CA GLN B 371 -0.87 5.46 29.74
C GLN B 371 0.09 5.38 30.91
N THR B 372 -0.37 4.84 32.02
CA THR B 372 0.49 4.71 33.20
C THR B 372 1.57 3.64 32.95
N ILE B 373 1.28 2.62 32.15
CA ILE B 373 2.18 1.51 31.95
C ILE B 373 2.71 1.40 30.56
N ASN B 374 2.12 2.12 29.63
CA ASN B 374 2.53 1.94 28.25
C ASN B 374 3.96 2.35 28.04
N PRO B 375 4.80 1.42 27.54
CA PRO B 375 6.23 1.75 27.42
C PRO B 375 6.57 2.86 26.45
N ASP B 376 5.66 3.21 25.56
CA ASP B 376 5.91 4.32 24.65
C ASP B 376 6.08 5.61 25.44
N ASN B 377 5.48 5.77 26.63
CA ASN B 377 5.70 7.05 27.33
C ASN B 377 6.54 6.90 28.57
N LEU B 378 7.33 5.83 28.66
CA LEU B 378 8.12 5.60 29.85
C LEU B 378 9.53 5.88 29.58
N THR B 379 10.27 6.13 30.65
CA THR B 379 11.70 6.45 30.52
C THR B 379 12.60 5.56 31.42
N GLY B 380 13.87 5.44 31.02
CA GLY B 380 14.92 4.83 31.82
C GLY B 380 14.66 3.41 32.37
N THR B 381 15.00 3.22 33.64
CA THR B 381 14.95 1.91 34.26
C THR B 381 13.56 1.39 34.35
N PHE B 382 12.59 2.27 34.48
CA PHE B 382 11.20 1.84 34.51
C PHE B 382 10.78 1.31 33.11
N LYS B 383 11.13 2.05 32.06
CA LYS B 383 10.93 1.58 30.72
C LYS B 383 11.57 0.19 30.56
N ASN B 384 12.79 0.04 31.02
CA ASN B 384 13.48 -1.19 30.86
C ASN B 384 12.82 -2.33 31.63
N PHE B 385 12.27 -2.02 32.76
CA PHE B 385 11.61 -3.05 33.50
C PHE B 385 10.39 -3.54 32.68
N VAL B 386 9.61 -2.63 32.14
CA VAL B 386 8.40 -3.02 31.46
C VAL B 386 8.76 -3.72 30.16
N THR B 387 9.65 -3.17 29.34
CA THR B 387 9.92 -3.78 28.04
C THR B 387 10.76 -5.05 28.17
N GLY B 388 11.72 -5.07 29.08
CA GLY B 388 12.60 -6.23 29.20
C GLY B 388 11.99 -7.37 29.98
N PHE B 389 11.03 -7.11 30.88
CA PHE B 389 10.57 -8.20 31.79
C PHE B 389 9.03 -8.32 31.86
N LEU B 390 8.37 -7.25 32.26
CA LEU B 390 6.97 -7.32 32.59
C LEU B 390 6.16 -7.66 31.38
N ALA B 391 6.48 -7.04 30.25
CA ALA B 391 5.77 -7.30 29.01
C ALA B 391 6.42 -8.39 28.21
N THR B 392 6.79 -9.50 28.84
CA THR B 392 7.33 -10.63 28.13
C THR B 392 6.84 -11.86 28.81
N CYS B 393 7.05 -13.00 28.18
CA CYS B 393 6.76 -14.26 28.79
C CYS B 393 7.81 -15.23 28.39
N ASN B 394 8.39 -15.97 29.33
CA ASN B 394 9.33 -17.00 28.93
C ASN B 394 8.74 -18.38 28.90
N ASN B 395 7.45 -18.55 29.13
CA ASN B 395 6.90 -19.91 29.10
C ASN B 395 7.16 -20.54 27.75
N LYS B 396 7.50 -21.85 27.73
CA LYS B 396 7.31 -22.83 26.57
C LYS B 396 8.12 -24.12 26.66
N GLY B 406 0.87 -18.98 22.73
CA GLY B 406 0.91 -18.63 24.15
C GLY B 406 0.24 -19.68 25.02
N SER B 407 0.83 -19.97 26.19
CA SER B 407 0.15 -20.74 27.24
C SER B 407 -1.04 -19.93 27.71
N PRO B 408 -2.16 -20.59 28.10
CA PRO B 408 -3.37 -19.82 28.55
C PRO B 408 -3.05 -18.81 29.62
N PRO B 409 -3.90 -17.83 29.80
CA PRO B 409 -3.54 -17.00 30.95
C PRO B 409 -3.59 -17.81 32.25
N GLY B 410 -2.83 -17.34 33.24
CA GLY B 410 -2.79 -17.94 34.56
C GLY B 410 -2.00 -19.22 34.69
N THR B 411 -1.08 -19.49 33.78
CA THR B 411 -0.32 -20.74 33.87
C THR B 411 1.11 -20.43 34.33
N VAL B 412 1.52 -21.19 35.35
CA VAL B 412 2.83 -21.09 35.93
C VAL B 412 3.65 -22.28 35.45
N THR B 413 4.81 -22.05 34.84
CA THR B 413 5.67 -23.14 34.41
C THR B 413 7.00 -22.95 35.09
N THR B 414 7.93 -23.84 34.83
CA THR B 414 9.25 -23.68 35.40
C THR B 414 9.99 -22.55 34.76
N GLN B 415 9.46 -21.97 33.70
CA GLN B 415 10.13 -20.86 33.03
C GLN B 415 9.37 -19.54 33.15
N THR B 416 8.35 -19.49 33.99
CA THR B 416 7.67 -18.25 34.19
C THR B 416 8.59 -17.18 34.86
N PHE B 417 9.42 -17.57 35.80
CA PHE B 417 10.16 -16.59 36.60
C PHE B 417 10.91 -15.55 35.77
N ALA B 418 10.99 -14.31 36.27
CA ALA B 418 11.69 -13.21 35.60
C ALA B 418 11.02 -12.77 34.32
N SER B 419 9.73 -13.06 34.17
CA SER B 419 8.97 -12.57 33.06
C SER B 419 7.55 -12.44 33.54
N GLY B 420 6.81 -11.52 32.95
CA GLY B 420 5.49 -11.17 33.50
C GLY B 420 4.51 -12.30 33.25
N CYS B 421 4.52 -12.79 32.02
CA CYS B 421 3.67 -13.90 31.64
C CYS B 421 2.22 -13.57 31.97
N ALA B 422 1.80 -12.35 31.70
CA ALA B 422 0.45 -11.98 32.03
C ALA B 422 -0.15 -11.14 30.92
N TYR B 423 0.31 -11.36 29.70
CA TYR B 423 -0.36 -10.80 28.54
C TYR B 423 -0.40 -9.27 28.58
N VAL B 424 0.64 -8.67 29.16
CA VAL B 424 0.62 -7.22 29.32
C VAL B 424 0.66 -6.48 27.96
N GLU B 425 1.50 -6.95 27.06
CA GLU B 425 1.62 -6.28 25.84
C GLU B 425 0.33 -6.48 25.04
N GLN B 426 -0.19 -7.69 25.01
CA GLN B 426 -1.39 -7.93 24.24
C GLN B 426 -2.54 -7.13 24.82
N THR B 427 -2.53 -6.89 26.13
CA THR B 427 -3.63 -6.17 26.70
C THR B 427 -3.58 -4.64 26.43
N ILE B 428 -2.40 -4.06 26.42
CA ILE B 428 -2.19 -2.68 25.99
C ILE B 428 -2.71 -2.53 24.54
N THR B 429 -2.28 -3.41 23.67
CA THR B 429 -2.77 -3.44 22.33
C THR B 429 -4.31 -3.56 22.25
N ASN B 430 -4.93 -4.39 23.07
CA ASN B 430 -6.41 -4.56 22.97
C ASN B 430 -7.15 -3.42 23.55
N LEU B 431 -6.57 -2.81 24.55
CA LEU B 431 -7.11 -1.57 25.04
C LEU B 431 -7.10 -0.49 23.97
N ASN B 432 -5.99 -0.33 23.27
CA ASN B 432 -5.97 0.63 22.19
C ASN B 432 -6.97 0.30 21.11
N ASN B 433 -7.02 -0.96 20.68
CA ASN B 433 -7.99 -1.33 19.65
C ASN B 433 -9.38 -1.00 20.10
N SER B 434 -9.69 -1.26 21.36
CA SER B 434 -11.06 -1.05 21.79
C SER B 434 -11.38 0.46 21.86
N ILE B 435 -10.41 1.30 22.22
CA ILE B 435 -10.60 2.74 22.22
C ILE B 435 -10.70 3.29 20.81
N ALA B 436 -9.94 2.75 19.88
CA ALA B 436 -10.12 3.14 18.50
C ALA B 436 -11.51 2.75 17.98
N HIS B 437 -12.05 1.63 18.46
CA HIS B 437 -13.41 1.18 18.00
C HIS B 437 -14.51 1.85 18.75
N PHE B 438 -14.18 2.80 19.62
CA PHE B 438 -15.16 3.51 20.40
C PHE B 438 -15.31 4.95 19.93
N GLY B 439 -14.74 5.29 18.77
CA GLY B 439 -14.78 6.67 18.29
C GLY B 439 -16.19 7.27 18.22
N THR B 440 -17.09 6.58 17.58
CA THR B 440 -18.47 7.04 17.47
C THR B 440 -19.13 7.19 18.82
N GLN B 441 -18.96 6.18 19.67
CA GLN B 441 -19.67 6.18 20.94
C GLN B 441 -19.20 7.29 21.78
N GLU B 442 -17.90 7.56 21.75
CA GLU B 442 -17.42 8.65 22.51
C GLU B 442 -18.08 9.98 22.09
N GLN B 443 -18.13 10.27 20.77
CA GLN B 443 -18.81 11.49 20.32
C GLN B 443 -20.31 11.49 20.72
N GLN B 444 -20.96 10.35 20.64
CA GLN B 444 -22.35 10.27 21.07
C GLN B 444 -22.54 10.58 22.55
N ILE B 445 -21.58 10.16 23.38
CA ILE B 445 -21.65 10.41 24.78
C ILE B 445 -21.48 11.89 25.05
N GLN B 446 -20.53 12.50 24.40
CA GLN B 446 -20.32 13.93 24.59
C GLN B 446 -21.54 14.74 24.16
N GLN B 447 -22.17 14.35 23.07
CA GLN B 447 -23.34 15.05 22.63
C GLN B 447 -24.45 14.88 23.66
N ALA B 448 -24.67 13.66 24.15
CA ALA B 448 -25.70 13.44 25.12
C ALA B 448 -25.44 14.33 26.32
N GLU B 449 -24.21 14.41 26.73
CA GLU B 449 -23.81 15.21 27.87
C GLU B 449 -24.07 16.68 27.62
N ASN B 450 -23.78 17.15 26.43
CA ASN B 450 -24.11 18.52 26.11
C ASN B 450 -25.60 18.84 26.04
N ILE B 451 -26.38 17.92 25.52
CA ILE B 451 -27.80 18.10 25.46
C ILE B 451 -28.36 18.17 26.85
N ALA B 452 -27.97 17.22 27.69
CA ALA B 452 -28.46 17.19 29.06
C ALA B 452 -28.06 18.45 29.82
N ASP B 453 -26.83 18.85 29.60
CA ASP B 453 -26.30 20.02 30.29
C ASP B 453 -27.01 21.27 29.82
N THR B 454 -27.34 21.36 28.54
CA THR B 454 -28.17 22.45 28.09
C THR B 454 -29.52 22.47 28.82
N LEU B 455 -30.13 21.30 28.96
CA LEU B 455 -31.46 21.21 29.62
C LEU B 455 -31.33 21.46 31.12
N VAL B 456 -30.28 21.01 31.78
CA VAL B 456 -30.16 21.33 33.21
C VAL B 456 -30.05 22.86 33.37
N ASN B 457 -29.28 23.50 32.52
CA ASN B 457 -29.21 24.97 32.53
C ASN B 457 -30.52 25.69 32.32
N PHE B 458 -31.26 25.32 31.30
CA PHE B 458 -32.57 25.93 31.08
C PHE B 458 -33.54 25.74 32.23
N GLY B 459 -33.49 24.59 32.91
CA GLY B 459 -34.40 24.30 34.01
C GLY B 459 -34.10 24.91 35.35
N SER B 460 -32.96 25.57 35.49
CA SER B 460 -32.44 25.98 36.80
C SER B 460 -32.88 27.37 37.35
N VAL C 2 -3.54 -19.81 -33.85
CA VAL C 2 -2.44 -20.73 -33.44
C VAL C 2 -2.46 -22.01 -34.34
N GLN C 3 -2.80 -21.81 -35.62
CA GLN C 3 -3.04 -22.87 -36.54
C GLN C 3 -2.74 -22.36 -37.95
N LEU C 4 -2.05 -23.21 -38.68
CA LEU C 4 -1.54 -22.89 -39.94
C LEU C 4 -1.73 -24.24 -40.68
N GLN C 5 -2.55 -24.23 -41.72
CA GLN C 5 -2.82 -25.42 -42.47
C GLN C 5 -2.74 -25.17 -43.99
N GLU C 6 -1.67 -25.64 -44.60
CA GLU C 6 -1.45 -25.53 -46.01
C GLU C 6 -2.06 -26.71 -46.78
N SER C 7 -2.47 -26.47 -48.02
CA SER C 7 -2.92 -27.49 -48.92
C SER C 7 -2.75 -27.04 -50.39
N GLY C 8 -3.01 -27.95 -51.33
CA GLY C 8 -2.96 -27.67 -52.75
C GLY C 8 -1.73 -28.25 -53.47
N GLY C 9 -0.77 -28.83 -52.76
CA GLY C 9 0.46 -29.30 -53.42
C GLY C 9 0.23 -30.57 -54.20
N GLY C 10 1.19 -30.96 -54.99
CA GLY C 10 1.10 -32.20 -55.75
C GLY C 10 2.29 -32.26 -56.67
N LEU C 11 2.30 -33.27 -57.53
CA LEU C 11 3.31 -33.46 -58.53
C LEU C 11 2.76 -32.88 -59.85
N VAL C 12 3.48 -31.98 -60.47
CA VAL C 12 3.15 -31.36 -61.73
C VAL C 12 4.35 -31.37 -62.66
N GLN C 13 4.06 -31.02 -63.91
CA GLN C 13 5.03 -30.97 -64.98
C GLN C 13 5.65 -29.60 -65.07
N PRO C 14 6.91 -29.54 -65.52
CA PRO C 14 7.48 -28.20 -65.74
C PRO C 14 6.61 -27.40 -66.69
N GLY C 15 6.47 -26.12 -66.44
CA GLY C 15 5.64 -25.30 -67.27
C GLY C 15 4.30 -25.19 -66.62
N GLY C 16 4.01 -26.05 -65.64
CA GLY C 16 2.69 -26.11 -65.04
C GLY C 16 2.33 -25.05 -64.03
N SER C 17 1.14 -25.24 -63.44
CA SER C 17 0.50 -24.31 -62.53
C SER C 17 0.05 -25.06 -61.32
N LEU C 18 -0.10 -24.34 -60.22
CA LEU C 18 -0.70 -24.87 -59.01
C LEU C 18 -1.12 -23.72 -58.16
N ARG C 19 -2.16 -23.93 -57.39
CA ARG C 19 -2.60 -22.95 -56.43
C ARG C 19 -2.58 -23.52 -55.03
N LEU C 20 -1.77 -22.91 -54.18
CA LEU C 20 -1.67 -23.29 -52.77
C LEU C 20 -2.61 -22.48 -51.89
N SER C 21 -3.15 -23.12 -50.87
CA SER C 21 -4.01 -22.46 -49.89
C SER C 21 -3.46 -22.58 -48.50
N CYS C 22 -3.73 -21.59 -47.65
CA CYS C 22 -3.41 -21.71 -46.26
C CYS C 22 -4.54 -21.18 -45.44
N ALA C 23 -5.09 -22.01 -44.57
CA ALA C 23 -6.05 -21.52 -43.59
C ALA C 23 -5.31 -21.22 -42.33
N ALA C 24 -5.40 -19.98 -41.89
CA ALA C 24 -4.76 -19.50 -40.69
C ALA C 24 -5.81 -19.10 -39.69
N SER C 25 -5.52 -19.27 -38.42
CA SER C 25 -6.39 -18.71 -37.38
C SER C 25 -6.41 -17.19 -37.43
N GLY C 26 -7.46 -16.59 -36.88
CA GLY C 26 -7.63 -15.18 -36.77
C GLY C 26 -6.47 -14.54 -36.04
N SER C 27 -6.05 -15.13 -34.93
CA SER C 27 -5.04 -14.47 -34.13
C SER C 27 -3.73 -14.39 -34.89
N ILE C 28 -3.42 -15.36 -35.72
CA ILE C 28 -2.23 -15.22 -36.60
C ILE C 28 -2.41 -14.23 -37.75
N PHE C 29 -3.56 -14.27 -38.34
CA PHE C 29 -3.74 -13.65 -39.63
C PHE C 29 -4.13 -12.19 -39.47
N SER C 30 -5.01 -11.91 -38.54
CA SER C 30 -5.65 -10.61 -38.55
C SER C 30 -4.71 -9.45 -38.21
N GLY C 31 -4.61 -8.51 -39.15
CA GLY C 31 -3.79 -7.34 -39.06
C GLY C 31 -2.32 -7.65 -39.11
N ASN C 32 -1.96 -8.79 -39.62
CA ASN C 32 -0.56 -9.14 -39.78
C ASN C 32 -0.16 -9.29 -41.22
N VAL C 33 1.12 -9.03 -41.46
CA VAL C 33 1.73 -9.44 -42.69
C VAL C 33 1.74 -10.94 -42.72
N MET C 34 1.44 -11.52 -43.87
CA MET C 34 1.46 -12.97 -43.99
C MET C 34 2.36 -13.35 -45.17
N GLY C 35 2.88 -14.56 -45.17
CA GLY C 35 3.80 -14.92 -46.26
C GLY C 35 3.93 -16.41 -46.54
N TRP C 36 4.60 -16.72 -47.64
CA TRP C 36 4.93 -18.09 -48.02
C TRP C 36 6.45 -18.35 -48.00
N TYR C 37 6.78 -19.60 -47.71
CA TYR C 37 8.13 -20.07 -47.55
C TYR C 37 8.23 -21.42 -48.16
N ARG C 38 9.44 -21.85 -48.40
CA ARG C 38 9.62 -23.18 -48.84
C ARG C 38 10.91 -23.75 -48.39
N GLN C 39 10.93 -25.08 -48.33
CA GLN C 39 12.09 -25.77 -47.94
C GLN C 39 12.36 -26.88 -48.97
N ALA C 40 13.47 -26.72 -49.70
CA ALA C 40 13.86 -27.68 -50.75
C ALA C 40 14.85 -28.70 -50.19
N PRO C 41 14.98 -29.84 -50.84
CA PRO C 41 15.91 -30.84 -50.34
C PRO C 41 17.33 -30.30 -50.13
N GLY C 42 17.93 -30.60 -48.99
CA GLY C 42 19.29 -30.18 -48.68
C GLY C 42 19.40 -28.72 -48.33
N LYS C 43 18.30 -28.00 -48.20
CA LYS C 43 18.40 -26.61 -47.80
C LYS C 43 17.50 -26.29 -46.66
N LEU C 44 17.82 -25.18 -46.01
CA LEU C 44 16.97 -24.66 -45.00
C LEU C 44 15.86 -23.87 -45.67
N ARG C 45 14.89 -23.49 -44.85
CA ARG C 45 13.72 -22.80 -45.28
C ARG C 45 14.09 -21.43 -45.88
N GLU C 46 13.46 -21.11 -46.99
CA GLU C 46 13.68 -19.86 -47.73
C GLU C 46 12.36 -19.08 -47.81
N TRP C 47 12.45 -17.77 -47.63
CA TRP C 47 11.29 -16.91 -47.85
C TRP C 47 10.99 -16.73 -49.33
N VAL C 48 9.71 -16.72 -49.67
CA VAL C 48 9.24 -16.69 -51.07
C VAL C 48 8.41 -15.46 -51.40
N ALA C 49 7.48 -15.12 -50.52
CA ALA C 49 6.58 -14.01 -50.83
C ALA C 49 5.90 -13.51 -49.57
N ALA C 50 5.43 -12.24 -49.59
CA ALA C 50 4.73 -11.70 -48.41
C ALA C 50 3.65 -10.74 -48.89
N ILE C 51 2.66 -10.50 -48.04
CA ILE C 51 1.59 -9.59 -48.37
C ILE C 51 1.11 -8.86 -47.13
N THR C 52 0.95 -7.54 -47.24
CA THR C 52 0.46 -6.77 -46.09
C THR C 52 -1.05 -6.90 -45.93
N PRO C 53 -1.57 -6.54 -44.75
CA PRO C 53 -2.99 -6.57 -44.54
C PRO C 53 -3.71 -5.83 -45.61
N GLN C 54 -3.19 -4.69 -46.07
CA GLN C 54 -3.81 -3.92 -47.12
C GLN C 54 -3.61 -4.49 -48.52
N GLY C 55 -2.91 -5.60 -48.65
CA GLY C 55 -2.87 -6.24 -49.95
C GLY C 55 -1.63 -5.99 -50.77
N VAL C 56 -0.62 -5.35 -50.23
CA VAL C 56 0.59 -5.12 -51.01
C VAL C 56 1.50 -6.32 -51.02
N PRO C 57 1.76 -6.91 -52.19
CA PRO C 57 2.58 -8.12 -52.27
C PRO C 57 4.04 -7.82 -52.50
N ASN C 58 4.97 -8.65 -52.02
CA ASN C 58 6.39 -8.61 -52.54
C ASN C 58 6.99 -10.03 -52.59
N TYR C 59 8.05 -10.23 -53.36
CA TYR C 59 8.48 -11.57 -53.74
C TYR C 59 9.99 -11.70 -53.71
N ALA C 60 10.48 -12.90 -53.47
CA ALA C 60 11.89 -13.16 -53.61
C ALA C 60 12.19 -13.13 -55.11
N ASP C 61 13.41 -12.77 -55.47
CA ASP C 61 13.83 -12.82 -56.85
C ASP C 61 13.64 -14.14 -57.56
N SER C 62 13.77 -15.27 -56.88
CA SER C 62 13.64 -16.57 -57.58
C SER C 62 12.22 -16.84 -58.11
N VAL C 63 11.22 -16.14 -57.59
CA VAL C 63 9.85 -16.42 -58.01
C VAL C 63 9.11 -15.22 -58.61
N LYS C 64 9.78 -14.08 -58.64
CA LYS C 64 9.12 -12.89 -59.05
C LYS C 64 8.76 -13.00 -60.50
N GLY C 65 7.58 -12.47 -60.87
CA GLY C 65 7.05 -12.57 -62.24
C GLY C 65 6.39 -13.92 -62.53
N ARG C 66 6.42 -14.91 -61.63
CA ARG C 66 5.82 -16.20 -61.86
C ARG C 66 4.79 -16.62 -60.79
N PHE C 67 4.95 -16.15 -59.56
CA PHE C 67 4.05 -16.47 -58.44
C PHE C 67 3.27 -15.22 -58.06
N THR C 68 2.06 -15.41 -57.53
CA THR C 68 1.21 -14.32 -57.08
C THR C 68 0.64 -14.73 -55.75
N ILE C 69 0.89 -13.88 -54.77
CA ILE C 69 0.38 -14.10 -53.43
C ILE C 69 -0.83 -13.22 -53.28
N SER C 70 -1.85 -13.73 -52.60
CA SER C 70 -3.03 -12.93 -52.30
C SER C 70 -3.58 -13.37 -50.96
N ARG C 71 -4.52 -12.59 -50.45
CA ARG C 71 -5.12 -12.89 -49.16
C ARG C 71 -6.57 -12.59 -49.17
N ASP C 72 -7.35 -13.29 -48.38
CA ASP C 72 -8.76 -13.02 -48.30
C ASP C 72 -9.09 -12.70 -46.85
N ASN C 73 -9.23 -11.43 -46.56
CA ASN C 73 -9.33 -11.02 -45.17
C ASN C 73 -10.60 -11.46 -44.49
N ALA C 74 -11.65 -11.68 -45.23
CA ALA C 74 -12.88 -12.20 -44.62
C ALA C 74 -12.78 -13.67 -44.17
N LYS C 75 -11.89 -14.46 -44.75
CA LYS C 75 -11.87 -15.88 -44.45
C LYS C 75 -10.53 -16.37 -43.86
N ASN C 76 -9.61 -15.45 -43.63
CA ASN C 76 -8.28 -15.74 -43.10
C ASN C 76 -7.57 -16.72 -43.98
N MET C 77 -7.60 -16.46 -45.26
CA MET C 77 -7.01 -17.39 -46.22
C MET C 77 -5.94 -16.70 -46.96
N LEU C 78 -4.86 -17.42 -47.17
CA LEU C 78 -3.71 -16.95 -47.87
C LEU C 78 -3.52 -17.87 -49.06
N TYR C 79 -3.15 -17.30 -50.21
CA TYR C 79 -3.03 -18.10 -51.42
C TYR C 79 -1.76 -17.83 -52.17
N LEU C 80 -1.27 -18.86 -52.85
CA LEU C 80 -0.11 -18.70 -53.71
C LEU C 80 -0.38 -19.34 -55.04
N GLN C 81 -0.53 -18.51 -56.05
CA GLN C 81 -0.75 -19.01 -57.40
C GLN C 81 0.63 -19.09 -58.01
N MET C 82 1.04 -20.29 -58.36
CA MET C 82 2.36 -20.55 -58.96
C MET C 82 2.20 -20.88 -60.43
N SER C 83 2.91 -20.16 -61.30
CA SER C 83 3.04 -20.51 -62.74
C SER C 83 4.45 -20.74 -63.20
N SER C 84 4.54 -21.28 -64.41
CA SER C 84 5.78 -21.59 -65.10
C SER C 84 6.69 -22.26 -64.16
N LEU C 85 6.18 -23.33 -63.54
CA LEU C 85 6.91 -24.04 -62.56
C LEU C 85 8.08 -24.76 -63.16
N LYS C 86 9.12 -24.90 -62.32
CA LYS C 86 10.41 -25.46 -62.71
C LYS C 86 10.78 -26.52 -61.73
N PRO C 87 11.60 -27.48 -62.14
CA PRO C 87 12.12 -28.45 -61.18
C PRO C 87 12.64 -27.82 -59.89
N GLU C 88 13.31 -26.69 -60.00
CA GLU C 88 13.90 -25.98 -58.85
C GLU C 88 12.83 -25.44 -57.87
N ASP C 89 11.56 -25.42 -58.28
CA ASP C 89 10.51 -25.02 -57.38
C ASP C 89 10.06 -26.18 -56.49
N THR C 90 10.63 -27.35 -56.65
CA THR C 90 10.24 -28.51 -55.84
C THR C 90 10.62 -28.31 -54.36
N ALA C 91 9.68 -28.50 -53.45
CA ALA C 91 9.87 -28.20 -52.01
C ALA C 91 8.59 -28.41 -51.23
N LEU C 92 8.74 -28.43 -49.91
CA LEU C 92 7.63 -28.22 -48.96
C LEU C 92 7.39 -26.75 -48.80
N TYR C 93 6.16 -26.32 -49.02
CA TYR C 93 5.77 -24.93 -48.93
C TYR C 93 4.99 -24.73 -47.66
N TYR C 94 5.28 -23.63 -46.98
CA TYR C 94 4.68 -23.31 -45.71
C TYR C 94 4.22 -21.86 -45.75
N CYS C 95 3.19 -21.58 -44.98
CA CYS C 95 2.78 -20.24 -44.74
C CYS C 95 2.90 -19.84 -43.25
N ASN C 96 3.09 -18.54 -43.01
CA ASN C 96 3.17 -18.05 -41.66
C ASN C 96 2.89 -16.58 -41.67
N ARG C 97 2.70 -16.00 -40.49
CA ARG C 97 2.82 -14.55 -40.45
C ARG C 97 4.26 -14.11 -40.46
N LEU C 98 4.48 -12.83 -40.74
CA LEU C 98 5.77 -12.21 -40.49
C LEU C 98 5.66 -11.10 -39.48
N PRO C 99 6.58 -11.08 -38.51
CA PRO C 99 7.52 -12.15 -38.18
C PRO C 99 6.82 -13.42 -37.74
N ASN C 100 7.56 -14.52 -37.73
CA ASN C 100 6.96 -15.85 -37.76
C ASN C 100 6.40 -16.23 -36.44
N TYR C 101 5.25 -16.87 -36.45
CA TYR C 101 4.82 -17.60 -35.27
C TYR C 101 5.74 -18.81 -35.14
N ARG C 102 6.10 -19.24 -33.97
CA ARG C 102 7.16 -20.20 -33.89
C ARG C 102 6.77 -21.67 -34.05
N SER C 103 5.48 -22.01 -34.21
CA SER C 103 5.11 -23.36 -34.59
C SER C 103 4.67 -23.36 -36.03
N TRP C 104 5.33 -24.11 -36.87
CA TRP C 104 4.99 -24.17 -38.29
C TRP C 104 3.92 -25.21 -38.52
N GLY C 105 3.06 -25.01 -39.50
CA GLY C 105 2.17 -26.14 -39.86
C GLY C 105 2.92 -27.23 -40.60
N GLN C 106 2.18 -28.18 -41.12
CA GLN C 106 2.70 -29.34 -41.85
C GLN C 106 3.36 -29.02 -43.18
N GLY C 107 2.90 -27.97 -43.84
CA GLY C 107 3.35 -27.67 -45.19
C GLY C 107 2.67 -28.57 -46.23
N THR C 108 2.89 -28.25 -47.49
CA THR C 108 2.32 -29.00 -48.59
C THR C 108 3.40 -29.20 -49.64
N GLN C 109 3.54 -30.45 -50.11
CA GLN C 109 4.64 -30.86 -50.96
C GLN C 109 4.33 -30.42 -52.36
N VAL C 110 5.25 -29.69 -53.00
CA VAL C 110 5.20 -29.44 -54.42
C VAL C 110 6.37 -30.10 -55.13
N THR C 111 6.08 -30.93 -56.11
CA THR C 111 7.11 -31.58 -56.91
C THR C 111 6.89 -31.25 -58.40
N VAL C 112 7.95 -30.81 -59.06
CA VAL C 112 7.88 -30.43 -60.43
C VAL C 112 8.84 -31.29 -61.20
N SER C 113 8.31 -32.03 -62.14
CA SER C 113 9.07 -33.10 -62.72
C SER C 113 8.49 -33.65 -64.00
N SER C 114 9.38 -34.00 -64.93
CA SER C 114 8.98 -34.13 -66.33
C SER C 114 8.35 -35.42 -66.78
N VAL D 2 0.55 23.00 23.64
CA VAL D 2 -0.02 21.60 23.41
C VAL D 2 -1.14 21.67 22.35
N GLN D 3 -1.12 20.85 21.31
CA GLN D 3 -1.36 21.47 20.04
C GLN D 3 -1.78 20.47 18.98
N LEU D 4 -2.71 20.94 18.17
CA LEU D 4 -3.32 20.16 17.15
C LEU D 4 -3.49 21.17 16.00
N GLN D 5 -2.86 20.91 14.86
CA GLN D 5 -2.81 21.84 13.74
C GLN D 5 -3.04 21.09 12.45
N GLU D 6 -4.20 21.27 11.88
CA GLU D 6 -4.60 20.60 10.66
C GLU D 6 -4.27 21.48 9.46
N SER D 7 -4.03 20.87 8.30
CA SER D 7 -3.89 21.56 7.06
C SER D 7 -4.19 20.64 5.90
N GLY D 8 -4.24 21.20 4.69
CA GLY D 8 -4.41 20.45 3.43
C GLY D 8 -5.79 20.58 2.77
N GLY D 9 -6.71 21.28 3.40
CA GLY D 9 -8.05 21.37 2.85
C GLY D 9 -8.06 22.23 1.64
N GLY D 10 -9.19 22.30 0.97
CA GLY D 10 -9.34 23.14 -0.19
C GLY D 10 -10.65 22.85 -0.82
N LEU D 11 -10.87 23.43 -1.99
CA LEU D 11 -12.05 23.21 -2.78
C LEU D 11 -11.70 22.24 -3.90
N VAL D 12 -12.41 21.14 -3.95
CA VAL D 12 -12.23 20.14 -5.01
C VAL D 12 -13.58 19.75 -5.60
N GLN D 13 -13.53 18.99 -6.69
CA GLN D 13 -14.68 18.55 -7.42
C GLN D 13 -15.08 17.18 -6.93
N PRO D 14 -16.37 16.83 -7.09
CA PRO D 14 -16.78 15.45 -6.75
C PRO D 14 -15.98 14.44 -7.55
N GLY D 15 -15.53 13.38 -6.92
CA GLY D 15 -14.64 12.47 -7.60
C GLY D 15 -13.20 12.75 -7.21
N GLY D 16 -12.93 13.91 -6.63
CA GLY D 16 -11.57 14.30 -6.34
C GLY D 16 -10.94 13.68 -5.12
N SER D 17 -9.74 14.14 -4.85
CA SER D 17 -8.82 13.58 -3.90
C SER D 17 -8.12 14.70 -3.14
N LEU D 18 -7.79 14.45 -1.88
CA LEU D 18 -7.09 15.41 -1.07
C LEU D 18 -6.39 14.66 0.01
N ARG D 19 -5.27 15.20 0.48
CA ARG D 19 -4.60 14.67 1.64
C ARG D 19 -4.51 15.70 2.78
N LEU D 20 -5.08 15.38 3.91
CA LEU D 20 -5.02 16.22 5.09
C LEU D 20 -3.88 15.81 6.02
N SER D 21 -3.29 16.79 6.69
CA SER D 21 -2.19 16.59 7.64
C SER D 21 -2.56 17.13 8.98
N CYS D 22 -2.01 16.53 10.03
CA CYS D 22 -2.17 17.09 11.33
C CYS D 22 -0.89 16.94 12.06
N ALA D 23 -0.36 18.05 12.53
CA ALA D 23 0.81 18.03 13.42
C ALA D 23 0.32 18.11 14.86
N ALA D 24 0.60 17.10 15.62
CA ALA D 24 0.22 17.02 17.00
C ALA D 24 1.43 17.12 17.88
N SER D 25 1.32 17.71 19.06
CA SER D 25 2.44 17.63 20.01
C SER D 25 2.67 16.16 20.42
N GLY D 26 3.88 15.88 20.87
CA GLY D 26 4.29 14.57 21.38
C GLY D 26 3.42 14.07 22.53
N SER D 27 3.07 14.96 23.45
CA SER D 27 2.34 14.49 24.60
C SER D 27 0.91 14.06 24.20
N ILE D 28 0.28 14.66 23.19
CA ILE D 28 -0.96 14.13 22.65
C ILE D 28 -0.79 12.84 21.84
N PHE D 29 0.24 12.80 21.02
CA PHE D 29 0.31 11.83 19.97
C PHE D 29 0.94 10.52 20.45
N SER D 30 1.99 10.65 21.20
CA SER D 30 2.83 9.49 21.50
C SER D 30 2.14 8.45 22.36
N GLY D 31 2.05 7.21 21.82
CA GLY D 31 1.44 6.07 22.48
C GLY D 31 -0.06 6.16 22.55
N ASN D 32 -0.66 7.03 21.77
CA ASN D 32 -2.09 7.19 21.82
C ASN D 32 -2.73 6.83 20.50
N VAL D 33 -3.97 6.42 20.60
CA VAL D 33 -4.80 6.33 19.44
C VAL D 33 -5.08 7.70 18.95
N MET D 34 -5.11 7.88 17.64
CA MET D 34 -5.35 9.19 17.07
C MET D 34 -6.44 9.10 16.05
N GLY D 35 -7.12 10.20 15.78
CA GLY D 35 -8.21 10.09 14.78
C GLY D 35 -8.63 11.38 14.12
N TRP D 36 -9.47 11.25 13.11
CA TRP D 36 -10.04 12.35 12.39
C TRP D 36 -11.55 12.45 12.60
N TYR D 37 -12.05 13.70 12.52
CA TYR D 37 -13.37 14.09 12.77
C TYR D 37 -13.75 15.15 11.81
N ARG D 38 -15.06 15.37 11.67
CA ARG D 38 -15.51 16.43 10.83
C ARG D 38 -16.81 17.02 11.29
N GLN D 39 -17.04 18.28 10.93
CA GLN D 39 -18.24 19.00 11.32
C GLN D 39 -18.80 19.67 10.11
N ALA D 40 -19.93 19.16 9.64
CA ALA D 40 -20.55 19.64 8.40
C ALA D 40 -21.62 20.67 8.76
N PRO D 41 -22.03 21.47 7.79
CA PRO D 41 -23.00 22.53 8.13
C PRO D 41 -24.25 21.96 8.76
N GLY D 42 -24.70 22.55 9.86
CA GLY D 42 -25.94 22.12 10.55
C GLY D 42 -25.79 20.85 11.36
N LYS D 43 -24.59 20.33 11.52
CA LYS D 43 -24.42 19.16 12.34
C LYS D 43 -23.30 19.33 13.34
N LEU D 44 -23.36 18.45 14.32
CA LEU D 44 -22.33 18.35 15.29
C LEU D 44 -21.28 17.50 14.75
N ARG D 45 -20.16 17.54 15.45
CA ARG D 45 -18.96 16.87 15.03
C ARG D 45 -19.15 15.35 14.98
N GLU D 46 -18.66 14.73 13.90
CA GLU D 46 -18.80 13.31 13.61
C GLU D 46 -17.37 12.66 13.54
N TRP D 47 -17.22 11.51 14.20
CA TRP D 47 -16.07 10.72 14.07
C TRP D 47 -15.95 10.12 12.66
N VAL D 48 -14.71 10.12 12.13
CA VAL D 48 -14.45 9.64 10.75
C VAL D 48 -13.50 8.42 10.73
N ALA D 49 -12.44 8.46 11.50
CA ALA D 49 -11.42 7.43 11.37
C ALA D 49 -10.48 7.45 12.58
N ALA D 50 -9.86 6.33 12.88
CA ALA D 50 -8.94 6.26 13.99
C ALA D 50 -7.80 5.30 13.63
N ILE D 51 -6.70 5.43 14.34
CA ILE D 51 -5.54 4.55 14.10
C ILE D 51 -4.76 4.33 15.42
N THR D 52 -4.42 3.10 15.71
CA THR D 52 -3.66 2.81 16.89
C THR D 52 -2.17 3.17 16.69
N PRO D 53 -1.44 3.26 17.81
CA PRO D 53 -0.02 3.48 17.75
C PRO D 53 0.64 2.51 16.82
N GLN D 54 0.23 1.24 16.83
CA GLN D 54 0.82 0.24 15.97
C GLN D 54 0.36 0.30 14.56
N GLY D 55 -0.52 1.24 14.21
CA GLY D 55 -0.86 1.44 12.81
C GLY D 55 -2.15 0.78 12.32
N VAL D 56 -2.96 0.19 13.19
CA VAL D 56 -4.22 -0.39 12.71
C VAL D 56 -5.31 0.67 12.55
N PRO D 57 -5.80 0.88 11.31
CA PRO D 57 -6.85 1.84 11.06
C PRO D 57 -8.28 1.31 11.22
N ASN D 58 -9.24 2.15 11.56
CA ASN D 58 -10.68 1.82 11.39
C ASN D 58 -11.47 3.10 11.04
N TYR D 59 -12.65 2.93 10.47
CA TYR D 59 -13.34 3.99 9.76
C TYR D 59 -14.84 3.96 10.04
N ALA D 60 -15.48 5.12 9.99
CA ALA D 60 -16.92 5.16 10.04
C ALA D 60 -17.40 4.60 8.72
N ASP D 61 -18.58 4.01 8.74
CA ASP D 61 -19.22 3.56 7.51
C ASP D 61 -19.34 4.59 6.41
N SER D 62 -19.52 5.85 6.71
CA SER D 62 -19.73 6.83 5.66
C SER D 62 -18.46 7.07 4.81
N VAL D 63 -17.30 6.69 5.29
CA VAL D 63 -16.11 6.93 4.55
C VAL D 63 -15.32 5.68 4.24
N LYS D 64 -15.79 4.56 4.75
CA LYS D 64 -15.03 3.37 4.61
C LYS D 64 -14.88 3.03 3.12
N GLY D 65 -13.72 2.48 2.73
CA GLY D 65 -13.39 2.19 1.35
C GLY D 65 -12.97 3.41 0.53
N ARG D 66 -13.01 4.62 1.08
CA ARG D 66 -12.66 5.79 0.35
C ARG D 66 -11.53 6.65 1.03
N PHE D 67 -11.39 6.56 2.32
CA PHE D 67 -10.45 7.34 3.08
C PHE D 67 -9.44 6.40 3.67
N THR D 68 -8.21 6.88 3.85
CA THR D 68 -7.13 6.13 4.47
C THR D 68 -6.49 7.01 5.47
N ILE D 69 -6.44 6.53 6.68
CA ILE D 69 -5.77 7.22 7.75
C ILE D 69 -4.42 6.55 7.95
N SER D 70 -3.38 7.35 8.22
CA SER D 70 -2.06 6.81 8.53
C SER D 70 -1.37 7.74 9.53
N ARG D 71 -0.25 7.27 10.05
CA ARG D 71 0.45 8.07 11.03
C ARG D 71 1.92 7.93 10.78
N ASP D 72 2.67 8.92 11.20
CA ASP D 72 4.09 8.81 11.17
C ASP D 72 4.63 9.04 12.60
N ASN D 73 4.94 7.95 13.27
CA ASN D 73 5.34 8.00 14.66
C ASN D 73 6.67 8.72 14.92
N ALA D 74 7.56 8.81 13.94
CA ALA D 74 8.76 9.62 14.11
C ALA D 74 8.48 11.16 14.11
N LYS D 75 7.42 11.62 13.50
CA LYS D 75 7.21 13.04 13.33
C LYS D 75 5.99 13.57 13.99
N ASN D 76 5.28 12.72 14.72
CA ASN D 76 3.96 13.07 15.32
C ASN D 76 2.99 13.61 14.31
N MET D 77 2.88 12.94 13.17
CA MET D 77 2.00 13.40 12.13
C MET D 77 0.93 12.39 11.89
N LEU D 78 -0.27 12.89 11.65
CA LEU D 78 -1.42 12.13 11.31
C LEU D 78 -1.89 12.57 9.94
N TYR D 79 -2.31 11.62 9.11
CA TYR D 79 -2.69 11.94 7.74
C TYR D 79 -4.05 11.32 7.40
N LEU D 80 -4.80 12.01 6.54
CA LEU D 80 -6.01 11.45 5.99
C LEU D 80 -6.06 11.65 4.49
N GLN D 81 -5.95 10.55 3.77
CA GLN D 81 -6.00 10.55 2.32
C GLN D 81 -7.45 10.28 1.99
N MET D 82 -8.09 11.23 1.35
CA MET D 82 -9.48 11.18 0.99
C MET D 82 -9.61 11.02 -0.50
N SER D 83 -10.36 10.00 -0.94
CA SER D 83 -10.74 9.82 -2.37
C SER D 83 -12.20 9.74 -2.62
N SER D 84 -12.55 9.75 -3.88
CA SER D 84 -13.92 9.71 -4.40
C SER D 84 -14.81 10.62 -3.56
N LEU D 85 -14.40 11.83 -3.47
CA LEU D 85 -15.05 12.75 -2.62
C LEU D 85 -16.42 13.04 -3.16
N LYS D 86 -17.30 13.42 -2.25
CA LYS D 86 -18.72 13.75 -2.52
C LYS D 86 -19.06 15.08 -1.90
N PRO D 87 -20.07 15.74 -2.39
CA PRO D 87 -20.53 16.93 -1.75
C PRO D 87 -20.77 16.78 -0.26
N GLU D 88 -21.32 15.64 0.14
CA GLU D 88 -21.59 15.37 1.56
C GLU D 88 -20.30 15.29 2.37
N ASP D 89 -19.13 15.20 1.77
CA ASP D 89 -17.89 15.21 2.57
C ASP D 89 -17.47 16.63 2.92
N THR D 90 -18.22 17.64 2.49
CA THR D 90 -17.88 19.00 2.75
C THR D 90 -17.99 19.31 4.27
N ALA D 91 -16.96 19.90 4.87
CA ALA D 91 -16.93 20.09 6.34
C ALA D 91 -15.60 20.65 6.77
N LEU D 92 -15.58 21.08 8.01
CA LEU D 92 -14.32 21.29 8.72
C LEU D 92 -13.82 19.97 9.27
N TYR D 93 -12.60 19.62 8.99
CA TYR D 93 -11.98 18.41 9.47
C TYR D 93 -10.99 18.71 10.59
N TYR D 94 -11.04 17.89 11.64
CA TYR D 94 -10.23 18.10 12.84
C TYR D 94 -9.59 16.79 13.20
N CYS D 95 -8.42 16.85 13.80
CA CYS D 95 -7.82 15.68 14.33
C CYS D 95 -7.65 15.78 15.88
N ASN D 96 -7.59 14.64 16.56
CA ASN D 96 -7.42 14.62 18.00
C ASN D 96 -6.95 13.24 18.42
N ARG D 97 -6.55 13.10 19.69
CA ARG D 97 -6.39 11.74 20.18
C ARG D 97 -7.74 11.15 20.55
N LEU D 98 -7.76 9.83 20.72
CA LEU D 98 -8.89 9.19 21.38
C LEU D 98 -8.48 8.52 22.63
N PRO D 99 -9.25 8.75 23.68
CA PRO D 99 -10.25 9.75 23.84
C PRO D 99 -9.70 11.19 23.72
N ASN D 100 -10.58 12.15 23.56
CA ASN D 100 -10.22 13.44 23.01
C ASN D 100 -9.55 14.31 24.05
N TYR D 101 -8.49 15.00 23.64
CA TYR D 101 -7.99 16.09 24.45
C TYR D 101 -9.03 17.19 24.38
N ARG D 102 -9.21 17.95 25.40
CA ARG D 102 -10.38 18.80 25.39
C ARG D 102 -10.25 20.16 24.69
N SER D 103 -9.10 20.51 24.13
CA SER D 103 -8.99 21.66 23.26
C SER D 103 -8.80 21.22 21.81
N TRP D 104 -9.68 21.62 20.93
CA TRP D 104 -9.59 21.26 19.54
C TRP D 104 -8.69 22.27 18.79
N GLY D 105 -7.98 21.86 17.77
CA GLY D 105 -7.41 22.86 16.87
C GLY D 105 -8.46 23.55 16.01
N GLN D 106 -7.99 24.32 15.07
CA GLN D 106 -8.81 25.15 14.21
C GLN D 106 -9.49 24.38 13.12
N GLY D 107 -9.00 23.19 12.78
CA GLY D 107 -9.55 22.43 11.68
C GLY D 107 -9.14 22.97 10.29
N THR D 108 -9.46 22.23 9.24
CA THR D 108 -9.17 22.62 7.87
C THR D 108 -10.43 22.35 7.02
N GLN D 109 -10.85 23.35 6.25
CA GLN D 109 -12.06 23.38 5.50
C GLN D 109 -11.90 22.53 4.25
N VAL D 110 -12.77 21.54 4.07
CA VAL D 110 -12.86 20.82 2.81
C VAL D 110 -14.19 21.14 2.16
N THR D 111 -14.17 21.64 0.91
CA THR D 111 -15.37 21.87 0.16
C THR D 111 -15.32 21.08 -1.17
N VAL D 112 -16.39 20.29 -1.42
CA VAL D 112 -16.50 19.44 -2.54
C VAL D 112 -17.69 19.92 -3.32
N SER D 113 -17.43 20.34 -4.55
CA SER D 113 -18.42 21.01 -5.31
C SER D 113 -18.12 21.02 -6.79
N SER D 114 -19.10 20.73 -7.64
CA SER D 114 -18.85 20.74 -9.10
C SER D 114 -18.64 22.09 -9.73
N HIS D 115 -17.65 22.07 -10.66
CA HIS D 115 -17.31 23.19 -11.50
C HIS D 115 -18.27 23.13 -12.68
N HIS D 116 -18.97 24.25 -12.92
CA HIS D 116 -19.74 24.50 -14.17
C HIS D 116 -19.38 25.86 -14.76
#